data_8TVM
#
_entry.id   8TVM
#
_cell.length_a   136.380
_cell.length_b   141.980
_cell.length_c   87.780
_cell.angle_alpha   90.000
_cell.angle_beta   126.370
_cell.angle_gamma   90.000
#
_symmetry.space_group_name_H-M   'C 1 2 1'
#
loop_
_entity.id
_entity.type
_entity.pdbx_description
1 polymer 'Interleukin-1 receptor-associated kinase 4'
2 non-polymer N-{1-[(1R,2R)-2-fluorocyclopropyl]-2-oxo-1,2-dihydropyridin-3-yl}-2-[(1R,4r)-1-methyl-2-oxabicyclo[2.1.1]hexan-4-yl]-6-[(propan-2-yl)oxy]-2H-pyrazolo[3,4-b]pyridine-5-carboxamide
3 water water
#
_entity_poly.entity_id   1
_entity_poly.type   'polypeptide(L)'
_entity_poly.pdbx_seq_one_letter_code
;ENKSLEVSDTRFHSFSFYELKNVTNNFDERPISVGGNKMGEGGFGVVYKGYVNNTTVAVKKLAAMVDITTEELKQQFDQE
IKVMAKCQHENLVELLGFSSDGDDLCLVYVYMPNGSLLDRLSCLDGTPPLSWHMRCKIAQGAANGINFLHENHHIHRDIK
SANILLDEAFTAKISDFGLARASEKFAQ(TPO)VM(TPO)(SEP)RIVGTTAYMAPEALRGEITPKSDIYSFGVVLLEII
TGLPAVDEHREPQLLLDIKEEIEDEEKTIEDYIDKKMNDADSTSVEAMYSVASQCLHEKKNKRPDIKKVQQLLQEMTAS
;
_entity_poly.pdbx_strand_id   A,B,C,D
#
loop_
_chem_comp.id
_chem_comp.type
_chem_comp.name
_chem_comp.formula
VDC non-polymer N-{1-[(1R,2R)-2-fluorocyclopropyl]-2-oxo-1,2-dihydropyridin-3-yl}-2-[(1R,4r)-1-methyl-2-oxabicyclo[2.1.1]hexan-4-yl]-6-[(propan-2-yl)oxy]-2H-pyrazolo[3,4-b]pyridine-5-carboxamide 'C24 H26 F N5 O4'
#
# COMPACT_ATOMS: atom_id res chain seq x y z
N ARG A 11 -10.46 -10.29 28.93
CA ARG A 11 -9.36 -9.69 28.19
C ARG A 11 -9.76 -8.40 27.48
N PHE A 12 -11.00 -7.94 27.66
CA PHE A 12 -11.49 -6.74 27.01
C PHE A 12 -11.57 -5.61 28.02
N HIS A 13 -11.15 -4.42 27.60
CA HIS A 13 -11.08 -3.27 28.50
C HIS A 13 -12.44 -2.58 28.57
N SER A 14 -12.97 -2.42 29.79
CA SER A 14 -14.24 -1.74 29.97
C SER A 14 -13.99 -0.23 30.03
N PHE A 15 -14.54 0.49 29.07
CA PHE A 15 -14.50 1.95 29.03
C PHE A 15 -15.79 2.49 29.63
N SER A 16 -15.68 3.60 30.36
CA SER A 16 -16.85 4.42 30.62
C SER A 16 -17.17 5.22 29.36
N PHE A 17 -18.45 5.53 29.17
CA PHE A 17 -18.88 6.16 27.92
C PHE A 17 -18.19 7.51 27.72
N TYR A 18 -17.99 8.26 28.81
CA TYR A 18 -17.39 9.58 28.67
C TYR A 18 -15.97 9.52 28.14
N GLU A 19 -15.25 8.44 28.44
CA GLU A 19 -13.90 8.29 27.88
C GLU A 19 -13.97 8.26 26.35
N LEU A 20 -14.90 7.49 25.81
CA LEU A 20 -15.03 7.38 24.36
C LEU A 20 -15.53 8.69 23.75
N LYS A 21 -16.40 9.41 24.47
CA LYS A 21 -16.78 10.74 24.01
C LYS A 21 -15.57 11.65 23.90
N ASN A 22 -14.67 11.59 24.89
CA ASN A 22 -13.49 12.46 24.87
C ASN A 22 -12.58 12.16 23.70
N VAL A 23 -12.35 10.88 23.39
CA VAL A 23 -11.35 10.54 22.37
C VAL A 23 -11.92 10.51 20.96
N THR A 24 -13.23 10.69 20.79
CA THR A 24 -13.85 10.74 19.47
C THR A 24 -14.36 12.13 19.12
N ASN A 25 -13.82 13.18 19.74
CA ASN A 25 -14.29 14.55 19.54
C ASN A 25 -15.80 14.66 19.79
N ASN A 26 -16.22 14.04 20.89
CA ASN A 26 -17.62 13.92 21.28
C ASN A 26 -18.45 13.33 20.13
N PHE A 27 -17.97 12.21 19.59
CA PHE A 27 -18.66 11.47 18.54
C PHE A 27 -19.12 12.39 17.42
N ASP A 28 -18.16 13.17 16.92
CA ASP A 28 -18.38 14.05 15.79
C ASP A 28 -18.84 13.22 14.60
N GLU A 29 -20.12 13.35 14.24
CA GLU A 29 -20.71 12.52 13.19
C GLU A 29 -20.33 12.98 11.79
N ARG A 30 -19.64 14.11 11.67
CA ARG A 30 -19.19 14.56 10.36
C ARG A 30 -18.18 13.57 9.79
N PRO A 31 -18.14 13.40 8.47
CA PRO A 31 -17.16 12.51 7.87
C PRO A 31 -15.74 12.99 8.13
N ILE A 32 -14.79 12.06 8.02
CA ILE A 32 -13.39 12.39 8.25
C ILE A 32 -12.96 13.54 7.36
N SER A 33 -13.37 13.51 6.09
CA SER A 33 -12.97 14.54 5.14
C SER A 33 -13.49 15.91 5.53
N VAL A 34 -14.62 15.96 6.24
CA VAL A 34 -15.23 17.23 6.65
C VAL A 34 -14.67 17.63 8.01
N GLY A 35 -13.63 16.93 8.46
CA GLY A 35 -13.02 17.21 9.73
C GLY A 35 -13.71 16.59 10.93
N GLY A 36 -14.56 15.59 10.71
CA GLY A 36 -15.24 14.90 11.79
C GLY A 36 -14.55 13.61 12.17
N ASN A 37 -15.32 12.72 12.80
CA ASN A 37 -14.79 11.43 13.25
C ASN A 37 -15.50 10.22 12.66
N LYS A 38 -16.54 10.43 11.85
CA LYS A 38 -17.26 9.30 11.29
C LYS A 38 -16.51 8.72 10.10
N MET A 39 -16.27 7.41 10.15
CA MET A 39 -15.61 6.69 9.08
C MET A 39 -16.56 5.85 8.24
N GLY A 40 -17.72 5.50 8.79
CA GLY A 40 -18.69 4.72 8.06
C GLY A 40 -19.86 4.42 8.96
N GLU A 41 -20.80 3.63 8.44
CA GLU A 41 -21.97 3.26 9.21
C GLU A 41 -22.47 1.90 8.75
N GLY A 42 -23.26 1.27 9.60
CA GLY A 42 -23.92 0.03 9.25
C GLY A 42 -25.36 0.09 9.71
N GLY A 43 -26.07 -1.03 9.63
CA GLY A 43 -27.43 -1.07 10.15
C GLY A 43 -27.48 -0.99 11.65
N PHE A 44 -26.41 -1.40 12.33
CA PHE A 44 -26.42 -1.56 13.77
C PHE A 44 -25.65 -0.48 14.51
N GLY A 45 -24.94 0.40 13.81
CA GLY A 45 -24.28 1.50 14.49
C GLY A 45 -23.42 2.30 13.53
N VAL A 46 -22.81 3.35 14.08
CA VAL A 46 -21.96 4.28 13.35
C VAL A 46 -20.53 4.09 13.82
N VAL A 47 -19.58 4.06 12.88
CA VAL A 47 -18.18 3.80 13.19
C VAL A 47 -17.43 5.12 13.22
N TYR A 48 -16.74 5.37 14.34
CA TYR A 48 -15.98 6.60 14.54
C TYR A 48 -14.50 6.28 14.72
N LYS A 49 -13.64 7.20 14.28
CA LYS A 49 -12.23 7.13 14.60
C LYS A 49 -11.99 7.70 15.98
N GLY A 50 -11.21 6.98 16.79
CA GLY A 50 -10.82 7.46 18.10
C GLY A 50 -9.32 7.42 18.26
N TYR A 51 -8.83 8.19 19.23
CA TYR A 51 -7.41 8.25 19.55
C TYR A 51 -7.26 8.07 21.05
N VAL A 52 -6.86 6.86 21.46
CA VAL A 52 -6.76 6.48 22.86
C VAL A 52 -5.31 6.12 23.15
N ASN A 53 -4.74 6.76 24.17
CA ASN A 53 -3.40 6.48 24.65
C ASN A 53 -2.43 6.34 23.48
N ASN A 54 -2.46 7.33 22.60
CA ASN A 54 -1.60 7.42 21.41
C ASN A 54 -1.84 6.27 20.44
N THR A 55 -3.02 5.67 20.46
CA THR A 55 -3.39 4.60 19.53
C THR A 55 -4.69 4.97 18.82
N THR A 56 -4.66 4.93 17.49
CA THR A 56 -5.88 5.11 16.71
C THR A 56 -6.73 3.86 16.79
N VAL A 57 -8.02 4.03 17.06
CA VAL A 57 -8.95 2.92 17.24
C VAL A 57 -10.23 3.22 16.48
N ALA A 58 -11.01 2.18 16.26
CA ALA A 58 -12.35 2.32 15.70
C ALA A 58 -13.36 2.09 16.81
N VAL A 59 -14.27 3.04 16.96
CA VAL A 59 -15.30 2.99 18.02
C VAL A 59 -16.65 2.94 17.34
N LYS A 60 -17.33 1.81 17.46
CA LYS A 60 -18.67 1.63 16.90
C LYS A 60 -19.69 1.89 18.01
N LYS A 61 -20.50 2.94 17.83
CA LYS A 61 -21.59 3.27 18.75
C LYS A 61 -22.87 2.66 18.19
N LEU A 62 -23.38 1.63 18.87
CA LEU A 62 -24.57 0.94 18.39
C LEU A 62 -25.78 1.86 18.46
N ALA A 63 -26.59 1.83 17.40
CA ALA A 63 -27.78 2.67 17.33
C ALA A 63 -29.04 1.81 17.32
N ILE A 68 -35.01 -2.17 15.16
CA ILE A 68 -34.61 -3.25 16.07
C ILE A 68 -34.92 -2.78 17.49
N THR A 69 -35.54 -3.66 18.27
CA THR A 69 -35.89 -3.30 19.64
C THR A 69 -34.63 -3.21 20.50
N THR A 70 -34.73 -2.43 21.59
CA THR A 70 -33.56 -2.09 22.37
C THR A 70 -32.93 -3.32 23.01
N GLU A 71 -33.75 -4.27 23.47
CA GLU A 71 -33.21 -5.49 24.04
C GLU A 71 -32.41 -6.28 23.01
N GLU A 72 -32.87 -6.30 21.77
CA GLU A 72 -32.14 -7.01 20.72
C GLU A 72 -30.79 -6.37 20.44
N LEU A 73 -30.71 -5.04 20.54
CA LEU A 73 -29.42 -4.37 20.36
C LEU A 73 -28.43 -4.78 21.44
N LYS A 74 -28.90 -4.91 22.69
CA LYS A 74 -28.03 -5.38 23.76
C LYS A 74 -27.60 -6.83 23.52
N GLN A 75 -28.51 -7.66 23.03
CA GLN A 75 -28.16 -9.06 22.76
C GLN A 75 -27.08 -9.15 21.68
N GLN A 76 -27.19 -8.34 20.62
CA GLN A 76 -26.15 -8.30 19.61
C GLN A 76 -24.85 -7.74 20.16
N PHE A 77 -24.95 -6.73 21.04
CA PHE A 77 -23.78 -6.18 21.70
C PHE A 77 -23.00 -7.27 22.43
N ASP A 78 -23.69 -8.04 23.28
CA ASP A 78 -23.03 -9.11 24.01
C ASP A 78 -22.62 -10.24 23.07
N GLN A 79 -23.41 -10.52 22.04
CA GLN A 79 -23.06 -11.59 21.10
C GLN A 79 -21.73 -11.32 20.43
N GLU A 80 -21.46 -10.06 20.07
CA GLU A 80 -20.14 -9.71 19.55
C GLU A 80 -19.07 -9.99 20.59
N ILE A 81 -19.32 -9.63 21.85
CA ILE A 81 -18.33 -9.85 22.91
C ILE A 81 -18.02 -11.33 23.06
N LYS A 82 -19.06 -12.17 23.10
CA LYS A 82 -18.85 -13.59 23.35
C LYS A 82 -18.07 -14.22 22.20
N VAL A 83 -18.43 -13.89 20.96
CA VAL A 83 -17.71 -14.43 19.81
C VAL A 83 -16.26 -13.93 19.82
N MET A 84 -16.06 -12.63 20.04
CA MET A 84 -14.72 -12.06 20.05
C MET A 84 -13.84 -12.70 21.12
N ALA A 85 -14.44 -13.03 22.27
CA ALA A 85 -13.65 -13.59 23.37
C ALA A 85 -13.00 -14.91 22.97
N LYS A 86 -13.71 -15.73 22.20
CA LYS A 86 -13.19 -17.02 21.77
C LYS A 86 -12.60 -17.00 20.36
N CYS A 87 -12.96 -16.00 19.55
CA CYS A 87 -12.53 -15.95 18.15
C CYS A 87 -11.39 -14.94 18.00
N GLN A 88 -10.16 -15.44 18.11
CA GLN A 88 -8.96 -14.67 17.82
C GLN A 88 -8.26 -15.31 16.62
N HIS A 89 -7.96 -14.50 15.60
CA HIS A 89 -7.33 -15.02 14.39
C HIS A 89 -6.72 -13.85 13.61
N GLU A 90 -5.71 -14.16 12.80
CA GLU A 90 -5.08 -13.14 11.96
C GLU A 90 -6.11 -12.43 11.10
N ASN A 91 -7.10 -13.17 10.61
CA ASN A 91 -8.05 -12.67 9.62
C ASN A 91 -9.41 -12.35 10.23
N LEU A 92 -9.43 -12.06 11.53
CA LEU A 92 -10.61 -11.55 12.22
C LEU A 92 -10.21 -10.23 12.88
N VAL A 93 -11.10 -9.24 12.80
CA VAL A 93 -10.83 -7.98 13.47
C VAL A 93 -10.79 -8.22 14.97
N GLU A 94 -10.02 -7.40 15.67
CA GLU A 94 -9.75 -7.61 17.09
C GLU A 94 -10.48 -6.59 17.93
N LEU A 95 -11.36 -7.07 18.80
CA LEU A 95 -12.01 -6.20 19.77
C LEU A 95 -11.04 -5.82 20.87
N LEU A 96 -10.97 -4.52 21.17
CA LEU A 96 -10.13 -4.02 22.26
C LEU A 96 -10.91 -3.79 23.55
N GLY A 97 -12.17 -3.39 23.45
CA GLY A 97 -12.94 -3.10 24.64
C GLY A 97 -14.33 -2.64 24.29
N PHE A 98 -15.04 -2.14 25.30
CA PHE A 98 -16.45 -1.84 25.15
C PHE A 98 -16.86 -0.79 26.18
N SER A 99 -18.04 -0.21 25.94
CA SER A 99 -18.71 0.67 26.90
C SER A 99 -20.17 0.24 26.97
N SER A 100 -20.58 -0.32 28.11
CA SER A 100 -21.96 -0.72 28.33
C SER A 100 -22.72 0.22 29.24
N ASP A 101 -22.04 0.91 30.15
CA ASP A 101 -22.68 1.95 30.94
C ASP A 101 -23.18 3.06 30.02
N GLY A 102 -24.15 3.81 30.51
CA GLY A 102 -24.83 4.80 29.70
C GLY A 102 -25.87 4.16 28.80
N ASP A 103 -26.69 5.02 28.19
CA ASP A 103 -27.73 4.53 27.30
C ASP A 103 -27.13 3.86 26.06
N ASP A 104 -26.07 4.44 25.52
CA ASP A 104 -25.49 3.93 24.29
C ASP A 104 -24.53 2.77 24.58
N LEU A 105 -24.33 1.95 23.55
CA LEU A 105 -23.47 0.78 23.62
C LEU A 105 -22.33 0.97 22.62
N CYS A 106 -21.10 0.70 23.07
CA CYS A 106 -19.92 1.00 22.27
C CYS A 106 -18.98 -0.20 22.21
N LEU A 107 -18.44 -0.43 21.02
CA LEU A 107 -17.46 -1.48 20.76
C LEU A 107 -16.20 -0.84 20.22
N VAL A 108 -15.05 -1.18 20.78
CA VAL A 108 -13.78 -0.56 20.45
C VAL A 108 -12.88 -1.60 19.81
N TYR A 109 -12.41 -1.32 18.59
CA TYR A 109 -11.64 -2.27 17.81
C TYR A 109 -10.30 -1.67 17.40
N VAL A 110 -9.39 -2.56 17.02
CA VAL A 110 -8.13 -2.15 16.40
C VAL A 110 -8.42 -1.44 15.10
N TYR A 111 -7.77 -0.30 14.89
CA TYR A 111 -7.94 0.48 13.67
C TYR A 111 -7.44 -0.28 12.45
N MET A 112 -8.13 -0.14 11.33
CA MET A 112 -7.76 -0.81 10.08
C MET A 112 -7.37 0.24 9.05
N PRO A 113 -6.08 0.50 8.88
CA PRO A 113 -5.66 1.70 8.12
C PRO A 113 -6.17 1.77 6.68
N ASN A 114 -6.42 0.64 6.02
CA ASN A 114 -6.86 0.66 4.64
C ASN A 114 -8.36 0.42 4.48
N GLY A 115 -9.10 0.45 5.58
CA GLY A 115 -10.55 0.48 5.53
C GLY A 115 -11.14 -0.83 5.03
N SER A 116 -12.26 -0.70 4.33
CA SER A 116 -13.01 -1.85 3.86
C SER A 116 -12.59 -2.24 2.44
N LEU A 117 -12.71 -3.53 2.16
CA LEU A 117 -12.55 -4.03 0.80
C LEU A 117 -13.50 -3.32 -0.15
N LEU A 118 -14.73 -3.04 0.30
CA LEU A 118 -15.70 -2.37 -0.54
C LEU A 118 -15.17 -1.02 -1.01
N ASP A 119 -14.67 -0.19 -0.08
CA ASP A 119 -14.16 1.12 -0.46
C ASP A 119 -12.89 1.02 -1.28
N ARG A 120 -12.07 -0.01 -1.05
CA ARG A 120 -10.86 -0.15 -1.84
C ARG A 120 -11.16 -0.65 -3.24
N LEU A 121 -12.16 -1.52 -3.39
CA LEU A 121 -12.58 -1.92 -4.74
C LEU A 121 -13.13 -0.74 -5.52
N SER A 122 -13.81 0.19 -4.84
CA SER A 122 -14.38 1.37 -5.48
C SER A 122 -13.38 2.52 -5.55
N CYS A 123 -12.19 2.35 -4.98
CA CYS A 123 -11.15 3.40 -4.96
C CYS A 123 -11.64 4.66 -4.29
N LEU A 124 -12.48 4.50 -3.27
CA LEU A 124 -13.03 5.62 -2.53
C LEU A 124 -11.91 6.47 -1.94
N ASP A 125 -12.10 7.79 -1.99
CA ASP A 125 -11.16 8.78 -1.48
C ASP A 125 -9.81 8.75 -2.20
N GLY A 126 -9.78 8.26 -3.43
CA GLY A 126 -8.59 8.34 -4.26
C GLY A 126 -7.57 7.23 -4.08
N THR A 127 -7.90 6.14 -3.42
CA THR A 127 -6.96 5.06 -3.24
C THR A 127 -6.73 4.33 -4.57
N PRO A 128 -5.52 3.81 -4.80
CA PRO A 128 -5.22 3.19 -6.09
C PRO A 128 -5.97 1.89 -6.25
N PRO A 129 -6.25 1.49 -7.49
CA PRO A 129 -6.91 0.19 -7.72
C PRO A 129 -6.08 -0.97 -7.20
N LEU A 130 -6.76 -1.94 -6.62
CA LEU A 130 -6.10 -3.14 -6.11
C LEU A 130 -5.61 -4.00 -7.27
N SER A 131 -4.39 -4.50 -7.16
CA SER A 131 -3.87 -5.40 -8.17
C SER A 131 -4.55 -6.77 -8.05
N TRP A 132 -4.54 -7.51 -9.16
CA TRP A 132 -5.11 -8.86 -9.12
C TRP A 132 -4.38 -9.74 -8.12
N HIS A 133 -3.07 -9.58 -8.02
CA HIS A 133 -2.29 -10.36 -7.06
C HIS A 133 -2.73 -10.06 -5.63
N MET A 134 -2.97 -8.78 -5.32
CA MET A 134 -3.45 -8.44 -3.99
C MET A 134 -4.90 -8.89 -3.78
N ARG A 135 -5.70 -8.87 -4.84
CA ARG A 135 -7.07 -9.34 -4.74
C ARG A 135 -7.10 -10.83 -4.40
N CYS A 136 -6.18 -11.61 -4.98
CA CYS A 136 -6.10 -13.03 -4.64
C CYS A 136 -5.71 -13.25 -3.19
N LYS A 137 -4.72 -12.50 -2.70
CA LYS A 137 -4.30 -12.63 -1.31
C LYS A 137 -5.43 -12.25 -0.35
N ILE A 138 -6.18 -11.20 -0.69
CA ILE A 138 -7.29 -10.75 0.14
C ILE A 138 -8.37 -11.82 0.20
N ALA A 139 -8.72 -12.40 -0.95
CA ALA A 139 -9.71 -13.46 -0.97
C ALA A 139 -9.27 -14.65 -0.13
N GLN A 140 -7.99 -15.02 -0.22
CA GLN A 140 -7.48 -16.12 0.59
C GLN A 140 -7.56 -15.78 2.08
N GLY A 141 -7.11 -14.58 2.45
CA GLY A 141 -7.19 -14.18 3.85
C GLY A 141 -8.60 -14.18 4.38
N ALA A 142 -9.55 -13.66 3.58
CA ALA A 142 -10.95 -13.67 4.01
C ALA A 142 -11.47 -15.08 4.20
N ALA A 143 -11.12 -15.99 3.29
CA ALA A 143 -11.54 -17.38 3.43
C ALA A 143 -10.92 -18.04 4.65
N ASN A 144 -9.68 -17.64 5.01
CA ASN A 144 -9.07 -18.14 6.23
C ASN A 144 -9.84 -17.69 7.45
N GLY A 145 -10.31 -16.45 7.47
CA GLY A 145 -11.12 -15.98 8.58
C GLY A 145 -12.44 -16.71 8.69
N ILE A 146 -13.12 -16.89 7.57
CA ILE A 146 -14.38 -17.63 7.57
C ILE A 146 -14.15 -19.07 8.00
N ASN A 147 -13.05 -19.67 7.56
CA ASN A 147 -12.72 -21.02 8.01
C ASN A 147 -12.59 -21.09 9.51
N PHE A 148 -11.92 -20.10 10.11
CA PHE A 148 -11.82 -20.09 11.56
C PHE A 148 -13.21 -20.05 12.18
N LEU A 149 -14.09 -19.17 11.69
CA LEU A 149 -15.42 -19.08 12.27
C LEU A 149 -16.17 -20.41 12.18
N HIS A 150 -16.16 -21.03 10.99
CA HIS A 150 -16.88 -22.28 10.81
C HIS A 150 -16.24 -23.41 11.63
N GLU A 151 -14.91 -23.47 11.65
CA GLU A 151 -14.23 -24.48 12.46
C GLU A 151 -14.60 -24.38 13.93
N ASN A 152 -14.83 -23.16 14.42
CA ASN A 152 -15.25 -22.94 15.80
C ASN A 152 -16.76 -22.78 15.92
N HIS A 153 -17.51 -23.29 14.93
CA HIS A 153 -18.96 -23.47 15.02
C HIS A 153 -19.69 -22.14 15.17
N HIS A 154 -19.36 -21.19 14.30
CA HIS A 154 -20.02 -19.91 14.23
C HIS A 154 -20.47 -19.64 12.79
N ILE A 155 -21.63 -19.02 12.65
CA ILE A 155 -22.16 -18.59 11.36
C ILE A 155 -22.17 -17.07 11.35
N HIS A 156 -21.46 -16.47 10.39
CA HIS A 156 -21.33 -15.02 10.37
C HIS A 156 -22.67 -14.34 10.10
N ARG A 157 -23.33 -14.74 9.00
CA ARG A 157 -24.65 -14.30 8.54
C ARG A 157 -24.63 -12.91 7.90
N ASP A 158 -23.50 -12.21 7.85
CA ASP A 158 -23.44 -10.92 7.14
C ASP A 158 -22.11 -10.79 6.39
N ILE A 159 -21.72 -11.83 5.66
CA ILE A 159 -20.51 -11.76 4.86
C ILE A 159 -20.73 -10.83 3.68
N LYS A 160 -19.88 -9.82 3.55
CA LYS A 160 -19.94 -8.85 2.46
C LYS A 160 -18.64 -8.05 2.45
N SER A 161 -18.40 -7.35 1.34
CA SER A 161 -17.15 -6.61 1.17
C SER A 161 -17.02 -5.49 2.20
N ALA A 162 -18.12 -4.87 2.61
CA ALA A 162 -18.06 -3.88 3.66
C ALA A 162 -17.62 -4.49 4.99
N ASN A 163 -17.75 -5.80 5.15
CA ASN A 163 -17.39 -6.49 6.37
C ASN A 163 -16.08 -7.25 6.24
N ILE A 164 -15.28 -6.92 5.23
CA ILE A 164 -13.92 -7.40 5.09
C ILE A 164 -13.01 -6.18 5.15
N LEU A 165 -12.32 -6.01 6.27
CA LEU A 165 -11.46 -4.86 6.49
C LEU A 165 -10.00 -5.21 6.21
N LEU A 166 -9.20 -4.18 5.99
CA LEU A 166 -7.83 -4.32 5.51
C LEU A 166 -6.91 -3.48 6.37
N ASP A 167 -5.86 -4.11 6.90
CA ASP A 167 -4.90 -3.39 7.73
C ASP A 167 -3.84 -2.75 6.84
N GLU A 168 -2.80 -2.19 7.47
CA GLU A 168 -1.79 -1.45 6.71
C GLU A 168 -1.13 -2.32 5.64
N ALA A 169 -0.99 -3.62 5.89
CA ALA A 169 -0.43 -4.55 4.93
C ALA A 169 -1.48 -5.19 4.04
N PHE A 170 -2.71 -4.68 4.06
CA PHE A 170 -3.83 -5.18 3.27
C PHE A 170 -4.19 -6.61 3.63
N THR A 171 -3.86 -7.04 4.84
CA THR A 171 -4.36 -8.29 5.37
C THR A 171 -5.87 -8.19 5.56
N ALA A 172 -6.60 -9.19 5.08
CA ALA A 172 -8.06 -9.13 5.13
C ALA A 172 -8.55 -9.61 6.48
N LYS A 173 -9.51 -8.89 7.06
CA LYS A 173 -10.01 -9.18 8.41
C LYS A 173 -11.53 -9.12 8.40
N ILE A 174 -12.17 -10.26 8.68
CA ILE A 174 -13.63 -10.31 8.75
C ILE A 174 -14.10 -9.56 10.00
N SER A 175 -15.19 -8.79 9.86
CA SER A 175 -15.69 -7.94 10.92
C SER A 175 -17.20 -8.13 11.08
N ASP A 176 -17.73 -7.47 12.11
CA ASP A 176 -19.17 -7.43 12.40
C ASP A 176 -19.81 -8.79 12.68
N PHE A 177 -19.53 -9.35 13.86
CA PHE A 177 -20.10 -10.62 14.31
C PHE A 177 -21.34 -10.43 15.17
N GLY A 178 -22.07 -9.32 14.99
CA GLY A 178 -23.27 -9.10 15.78
C GLY A 178 -24.37 -10.09 15.47
N LEU A 179 -24.48 -10.49 14.21
CA LEU A 179 -25.48 -11.47 13.79
C LEU A 179 -24.97 -12.90 13.87
N ALA A 180 -23.76 -13.11 14.42
CA ALA A 180 -23.17 -14.43 14.45
C ALA A 180 -23.98 -15.38 15.34
N ARG A 181 -23.97 -16.66 14.96
CA ARG A 181 -24.72 -17.68 15.67
C ARG A 181 -23.88 -18.94 15.77
N ALA A 182 -24.17 -19.75 16.79
CA ALA A 182 -23.56 -21.06 16.92
C ALA A 182 -24.17 -22.04 15.91
N SER A 183 -23.42 -23.09 15.61
CA SER A 183 -23.85 -24.09 14.64
C SER A 183 -23.61 -25.49 15.21
N TPO A 189 -32.69 -27.00 9.00
CA TPO A 189 -32.21 -27.47 10.29
CB TPO A 189 -30.70 -27.66 10.27
CG2 TPO A 189 -30.35 -28.91 11.07
OG1 TPO A 189 -30.28 -27.87 8.91
P TPO A 189 -29.04 -26.91 8.55
O1P TPO A 189 -29.38 -26.14 7.34
O2P TPO A 189 -28.73 -25.89 9.75
O3P TPO A 189 -27.73 -27.80 8.26
C TPO A 189 -32.62 -26.50 11.40
O TPO A 189 -33.29 -26.90 12.36
N VAL A 190 -32.22 -25.24 11.28
CA VAL A 190 -32.64 -24.20 12.22
C VAL A 190 -33.16 -22.98 11.43
N MET A 191 -34.35 -22.51 11.78
CA MET A 191 -34.95 -21.34 11.14
C MET A 191 -35.23 -20.25 12.15
N TPO A 192 -35.58 -19.05 11.66
CA TPO A 192 -35.88 -17.93 12.56
CB TPO A 192 -34.63 -17.11 12.83
CG2 TPO A 192 -33.90 -16.87 11.52
OG1 TPO A 192 -35.01 -15.84 13.37
P TPO A 192 -34.41 -15.67 14.85
O1P TPO A 192 -33.79 -16.94 15.31
O2P TPO A 192 -35.60 -15.25 15.86
O3P TPO A 192 -33.29 -14.52 14.86
C TPO A 192 -36.98 -17.03 11.99
O TPO A 192 -37.21 -16.97 10.79
N SEP A 193 -37.65 -16.32 12.90
CA SEP A 193 -38.67 -15.34 12.55
CB SEP A 193 -39.51 -15.00 13.77
OG SEP A 193 -38.68 -14.73 14.89
C SEP A 193 -38.03 -14.08 11.99
O SEP A 193 -38.66 -13.34 11.22
P SEP A 193 -39.23 -15.50 16.21
O1P SEP A 193 -39.00 -17.07 16.06
O2P SEP A 193 -40.80 -15.19 16.39
O3P SEP A 193 -38.42 -14.96 17.49
N ARG A 194 -36.79 -13.83 12.38
CA ARG A 194 -36.07 -12.64 11.95
C ARG A 194 -35.09 -12.92 10.81
N ILE A 195 -35.41 -12.38 9.64
CA ILE A 195 -34.53 -12.45 8.48
C ILE A 195 -33.65 -11.20 8.49
N VAL A 196 -32.39 -11.36 8.83
CA VAL A 196 -31.45 -10.25 8.88
C VAL A 196 -30.24 -10.57 8.03
N GLY A 197 -29.66 -9.53 7.47
CA GLY A 197 -28.58 -9.66 6.52
C GLY A 197 -28.66 -8.54 5.51
N THR A 198 -27.80 -8.62 4.50
CA THR A 198 -27.77 -7.67 3.40
C THR A 198 -28.29 -8.36 2.15
N THR A 199 -29.50 -8.00 1.72
CA THR A 199 -30.24 -8.80 0.76
C THR A 199 -29.44 -9.08 -0.50
N ALA A 200 -28.64 -8.11 -0.96
CA ALA A 200 -27.85 -8.29 -2.17
C ALA A 200 -26.80 -9.38 -2.04
N TYR A 201 -26.47 -9.78 -0.80
CA TYR A 201 -25.49 -10.84 -0.59
C TYR A 201 -26.09 -12.14 -0.09
N MET A 202 -27.33 -12.12 0.43
CA MET A 202 -27.87 -13.29 1.12
C MET A 202 -28.22 -14.42 0.15
N ALA A 203 -28.05 -15.65 0.64
CA ALA A 203 -28.52 -16.83 -0.06
C ALA A 203 -30.04 -16.86 -0.07
N PRO A 204 -30.65 -17.56 -1.04
CA PRO A 204 -32.11 -17.66 -1.04
C PRO A 204 -32.68 -18.26 0.23
N GLU A 205 -32.02 -19.29 0.78
CA GLU A 205 -32.50 -19.90 2.02
C GLU A 205 -32.40 -18.91 3.18
N ALA A 206 -31.36 -18.07 3.18
CA ALA A 206 -31.21 -17.06 4.23
C ALA A 206 -32.31 -16.02 4.14
N LEU A 207 -32.72 -15.66 2.93
CA LEU A 207 -33.84 -14.74 2.76
C LEU A 207 -35.14 -15.30 3.32
N ARG A 208 -35.23 -16.63 3.45
CA ARG A 208 -36.42 -17.28 3.97
C ARG A 208 -36.30 -17.63 5.46
N GLY A 209 -35.22 -17.23 6.11
CA GLY A 209 -35.06 -17.44 7.54
C GLY A 209 -34.21 -18.63 7.94
N GLU A 210 -33.64 -19.36 6.98
CA GLU A 210 -32.76 -20.47 7.32
C GLU A 210 -31.40 -19.96 7.77
N ILE A 211 -30.84 -20.62 8.78
CA ILE A 211 -29.58 -20.21 9.39
C ILE A 211 -28.60 -21.37 9.23
N THR A 212 -27.59 -21.20 8.38
CA THR A 212 -26.64 -22.29 8.12
C THR A 212 -25.31 -21.73 7.66
N PRO A 213 -24.20 -22.41 7.96
CA PRO A 213 -22.90 -21.94 7.46
C PRO A 213 -22.82 -21.91 5.95
N LYS A 214 -23.64 -22.72 5.26
CA LYS A 214 -23.67 -22.71 3.80
C LYS A 214 -24.13 -21.37 3.24
N SER A 215 -24.88 -20.58 4.03
CA SER A 215 -25.28 -19.25 3.58
C SER A 215 -24.08 -18.30 3.56
N ASP A 216 -23.13 -18.50 4.46
CA ASP A 216 -21.89 -17.72 4.43
C ASP A 216 -21.14 -17.96 3.12
N ILE A 217 -21.15 -19.21 2.63
CA ILE A 217 -20.45 -19.54 1.39
C ILE A 217 -21.04 -18.77 0.22
N TYR A 218 -22.37 -18.73 0.13
CA TYR A 218 -23.03 -18.01 -0.96
C TYR A 218 -22.64 -16.52 -0.94
N SER A 219 -22.67 -15.92 0.25
CA SER A 219 -22.32 -14.51 0.36
C SER A 219 -20.86 -14.26 -0.01
N PHE A 220 -19.97 -15.18 0.37
CA PHE A 220 -18.57 -15.07 -0.06
C PHE A 220 -18.45 -15.16 -1.57
N GLY A 221 -19.36 -15.90 -2.22
CA GLY A 221 -19.33 -15.96 -3.68
C GLY A 221 -19.63 -14.61 -4.32
N VAL A 222 -20.57 -13.85 -3.74
CA VAL A 222 -20.82 -12.50 -4.21
C VAL A 222 -19.59 -11.63 -4.02
N VAL A 223 -18.92 -11.79 -2.87
CA VAL A 223 -17.71 -11.03 -2.59
C VAL A 223 -16.65 -11.34 -3.64
N LEU A 224 -16.46 -12.63 -3.94
CA LEU A 224 -15.53 -13.01 -4.99
C LEU A 224 -15.89 -12.36 -6.32
N LEU A 225 -17.19 -12.23 -6.60
CA LEU A 225 -17.61 -11.54 -7.81
C LEU A 225 -17.27 -10.05 -7.77
N GLU A 226 -17.48 -9.40 -6.61
CA GLU A 226 -17.07 -8.00 -6.46
C GLU A 226 -15.59 -7.84 -6.71
N ILE A 227 -14.78 -8.78 -6.21
CA ILE A 227 -13.34 -8.72 -6.39
C ILE A 227 -12.98 -8.85 -7.86
N ILE A 228 -13.63 -9.78 -8.56
CA ILE A 228 -13.32 -10.00 -9.98
C ILE A 228 -13.70 -8.78 -10.82
N THR A 229 -14.87 -8.20 -10.55
CA THR A 229 -15.42 -7.17 -11.43
C THR A 229 -15.17 -5.75 -10.95
N GLY A 230 -14.88 -5.57 -9.65
CA GLY A 230 -14.80 -4.22 -9.13
C GLY A 230 -16.13 -3.53 -8.97
N LEU A 231 -17.24 -4.26 -9.10
CA LEU A 231 -18.58 -3.69 -9.03
C LEU A 231 -19.23 -4.00 -7.69
N PRO A 232 -19.99 -3.05 -7.15
CA PRO A 232 -20.76 -3.33 -5.92
C PRO A 232 -21.87 -4.32 -6.18
N ALA A 233 -22.28 -5.01 -5.11
CA ALA A 233 -23.26 -6.08 -5.25
C ALA A 233 -24.60 -5.54 -5.75
N VAL A 234 -24.92 -4.29 -5.45
CA VAL A 234 -26.11 -3.64 -6.00
C VAL A 234 -25.77 -2.19 -6.31
N ASP A 235 -26.18 -1.72 -7.48
CA ASP A 235 -25.96 -0.35 -7.91
C ASP A 235 -27.27 0.18 -8.49
N GLU A 236 -27.80 1.25 -7.90
CA GLU A 236 -29.10 1.78 -8.31
C GLU A 236 -29.11 2.11 -9.81
N HIS A 237 -28.09 2.80 -10.29
CA HIS A 237 -28.00 3.18 -11.70
C HIS A 237 -27.11 2.20 -12.46
N ARG A 238 -27.56 0.94 -12.51
CA ARG A 238 -26.82 -0.09 -13.20
C ARG A 238 -27.77 -1.21 -13.60
N GLU A 239 -27.48 -1.83 -14.75
CA GLU A 239 -28.22 -2.97 -15.26
C GLU A 239 -27.22 -4.03 -15.74
N PRO A 240 -27.29 -5.28 -15.26
CA PRO A 240 -28.15 -5.78 -14.18
C PRO A 240 -27.80 -5.12 -12.86
N GLN A 241 -28.82 -4.79 -12.10
CA GLN A 241 -28.64 -4.03 -10.88
C GLN A 241 -28.11 -4.89 -9.73
N LEU A 242 -28.27 -6.20 -9.81
CA LEU A 242 -27.72 -7.11 -8.81
C LEU A 242 -26.59 -7.93 -9.44
N LEU A 243 -25.44 -7.97 -8.75
CA LEU A 243 -24.25 -8.58 -9.33
C LEU A 243 -24.41 -10.09 -9.49
N LEU A 244 -25.12 -10.75 -8.58
CA LEU A 244 -25.31 -12.19 -8.70
C LEU A 244 -26.03 -12.56 -9.99
N ASP A 245 -26.75 -11.62 -10.60
CA ASP A 245 -27.41 -11.90 -11.87
C ASP A 245 -26.43 -12.11 -13.00
N ILE A 246 -25.22 -11.54 -12.90
CA ILE A 246 -24.26 -11.70 -13.99
C ILE A 246 -23.81 -13.15 -14.14
N LYS A 247 -23.97 -13.97 -13.09
CA LYS A 247 -23.70 -15.40 -13.25
C LYS A 247 -24.62 -16.03 -14.29
N GLU A 248 -25.77 -15.41 -14.54
CA GLU A 248 -26.67 -15.91 -15.59
C GLU A 248 -26.13 -15.61 -16.97
N GLU A 249 -25.75 -14.36 -17.17
CA GLU A 249 -25.28 -13.96 -18.47
C GLU A 249 -24.09 -14.81 -18.89
N ILE A 250 -23.27 -15.22 -17.93
CA ILE A 250 -22.13 -16.08 -18.24
C ILE A 250 -22.60 -17.49 -18.61
N GLU A 251 -23.50 -18.07 -17.79
CA GLU A 251 -23.95 -19.43 -18.06
C GLU A 251 -24.96 -19.48 -19.21
N ASP A 252 -25.73 -18.42 -19.41
CA ASP A 252 -26.62 -18.33 -20.56
C ASP A 252 -25.91 -17.84 -21.81
N GLU A 253 -24.58 -17.71 -21.75
CA GLU A 253 -23.73 -17.27 -22.85
C GLU A 253 -24.11 -15.88 -23.37
N GLU A 254 -24.84 -15.09 -22.58
CA GLU A 254 -25.14 -13.72 -22.96
C GLU A 254 -23.94 -12.81 -22.81
N LYS A 255 -22.97 -13.19 -22.00
CA LYS A 255 -21.74 -12.42 -21.78
C LYS A 255 -20.69 -13.38 -21.26
N THR A 256 -19.44 -12.96 -21.31
CA THR A 256 -18.36 -13.73 -20.70
C THR A 256 -17.80 -13.01 -19.49
N ILE A 257 -17.06 -13.77 -18.68
CA ILE A 257 -16.39 -13.18 -17.53
C ILE A 257 -15.40 -12.11 -17.97
N GLU A 258 -14.89 -12.24 -19.20
CA GLU A 258 -13.99 -11.22 -19.75
C GLU A 258 -14.66 -9.85 -19.78
N ASP A 259 -15.91 -9.81 -20.24
CA ASP A 259 -16.64 -8.55 -20.34
C ASP A 259 -16.83 -7.87 -18.99
N TYR A 260 -16.73 -8.62 -17.89
CA TYR A 260 -16.98 -8.08 -16.57
C TYR A 260 -15.75 -7.96 -15.70
N ILE A 261 -14.59 -8.48 -16.13
CA ILE A 261 -13.38 -8.32 -15.34
C ILE A 261 -13.09 -6.83 -15.17
N ASP A 262 -12.79 -6.43 -13.93
CA ASP A 262 -12.44 -5.04 -13.62
C ASP A 262 -11.36 -4.55 -14.58
N LYS A 263 -11.69 -3.49 -15.32
CA LYS A 263 -10.72 -2.93 -16.25
C LYS A 263 -9.64 -2.11 -15.54
N LYS A 264 -9.81 -1.86 -14.25
CA LYS A 264 -8.81 -1.14 -13.46
C LYS A 264 -7.75 -2.08 -12.90
N MET A 265 -7.18 -2.89 -13.78
CA MET A 265 -6.17 -3.88 -13.43
C MET A 265 -5.27 -4.08 -14.64
N ASN A 266 -3.99 -4.35 -14.39
CA ASN A 266 -3.07 -4.66 -15.48
C ASN A 266 -2.40 -6.03 -15.34
N ASP A 267 -2.69 -6.78 -14.28
CA ASP A 267 -2.00 -8.03 -14.01
C ASP A 267 -2.98 -9.18 -13.80
N ALA A 268 -4.13 -9.13 -14.47
CA ALA A 268 -5.18 -10.14 -14.32
C ALA A 268 -4.94 -11.24 -15.35
N ASP A 269 -4.15 -12.25 -14.95
CA ASP A 269 -4.00 -13.44 -15.77
C ASP A 269 -5.37 -14.09 -15.96
N SER A 270 -5.70 -14.41 -17.22
CA SER A 270 -7.05 -14.91 -17.53
C SER A 270 -7.33 -16.22 -16.79
N THR A 271 -6.33 -17.09 -16.70
CA THR A 271 -6.54 -18.40 -16.07
C THR A 271 -6.90 -18.26 -14.60
N SER A 272 -6.16 -17.41 -13.86
CA SER A 272 -6.46 -17.22 -12.45
C SER A 272 -7.81 -16.54 -12.24
N VAL A 273 -8.16 -15.58 -13.10
CA VAL A 273 -9.46 -14.92 -12.97
C VAL A 273 -10.59 -15.90 -13.24
N GLU A 274 -10.48 -16.68 -14.32
CA GLU A 274 -11.48 -17.72 -14.58
C GLU A 274 -11.49 -18.74 -13.44
N ALA A 275 -10.35 -18.99 -12.83
CA ALA A 275 -10.32 -19.85 -11.65
C ALA A 275 -11.15 -19.26 -10.52
N MET A 276 -11.07 -17.94 -10.31
CA MET A 276 -11.84 -17.34 -9.24
C MET A 276 -13.33 -17.34 -9.54
N TYR A 277 -13.71 -17.10 -10.81
CA TYR A 277 -15.12 -17.16 -11.15
C TYR A 277 -15.67 -18.56 -10.89
N SER A 278 -14.90 -19.58 -11.20
CA SER A 278 -15.33 -20.96 -10.94
C SER A 278 -15.61 -21.16 -9.46
N VAL A 279 -14.71 -20.70 -8.59
CA VAL A 279 -14.94 -20.80 -7.15
C VAL A 279 -16.20 -20.03 -6.77
N ALA A 280 -16.35 -18.82 -7.30
CA ALA A 280 -17.55 -18.03 -7.02
C ALA A 280 -18.81 -18.73 -7.53
N SER A 281 -18.74 -19.28 -8.74
CA SER A 281 -19.91 -19.94 -9.31
C SER A 281 -20.35 -21.12 -8.46
N GLN A 282 -19.39 -21.92 -7.99
CA GLN A 282 -19.72 -23.03 -7.10
C GLN A 282 -20.32 -22.53 -5.80
N CYS A 283 -19.77 -21.45 -5.25
CA CYS A 283 -20.33 -20.85 -4.03
C CYS A 283 -21.76 -20.38 -4.24
N LEU A 284 -22.13 -20.03 -5.46
CA LEU A 284 -23.39 -19.36 -5.73
C LEU A 284 -24.45 -20.30 -6.31
N HIS A 285 -24.30 -21.61 -6.06
N HIS A 285 -24.31 -21.60 -6.03
CA HIS A 285 -25.35 -22.57 -6.48
CA HIS A 285 -25.34 -22.59 -6.45
C HIS A 285 -26.54 -22.38 -5.57
C HIS A 285 -26.56 -22.38 -5.55
N GLU A 286 -27.75 -22.35 -6.14
CA GLU A 286 -28.92 -22.06 -5.33
C GLU A 286 -29.17 -23.14 -4.29
N LYS A 287 -28.78 -24.39 -4.57
CA LYS A 287 -28.95 -25.49 -3.63
C LYS A 287 -27.78 -25.47 -2.65
N LYS A 288 -28.10 -25.31 -1.36
CA LYS A 288 -27.06 -25.10 -0.35
C LYS A 288 -26.13 -26.30 -0.25
N ASN A 289 -26.68 -27.52 -0.35
CA ASN A 289 -25.89 -28.73 -0.15
C ASN A 289 -24.89 -28.97 -1.28
N LYS A 290 -25.10 -28.36 -2.44
CA LYS A 290 -24.15 -28.48 -3.53
C LYS A 290 -23.02 -27.45 -3.44
N ARG A 291 -23.14 -26.49 -2.53
CA ARG A 291 -22.08 -25.51 -2.33
C ARG A 291 -20.87 -26.17 -1.67
N PRO A 292 -19.66 -25.74 -2.01
CA PRO A 292 -18.47 -26.25 -1.31
C PRO A 292 -18.42 -25.75 0.12
N ASP A 293 -17.73 -26.51 0.97
CA ASP A 293 -17.47 -26.03 2.31
C ASP A 293 -16.27 -25.07 2.28
N ILE A 294 -16.06 -24.39 3.41
CA ILE A 294 -15.05 -23.33 3.45
C ILE A 294 -13.65 -23.90 3.22
N LYS A 295 -13.39 -25.11 3.73
CA LYS A 295 -12.09 -25.73 3.50
C LYS A 295 -11.86 -26.00 2.01
N LYS A 296 -12.89 -26.48 1.32
CA LYS A 296 -12.79 -26.63 -0.13
C LYS A 296 -12.56 -25.29 -0.81
N VAL A 297 -13.27 -24.25 -0.35
CA VAL A 297 -13.07 -22.91 -0.90
C VAL A 297 -11.64 -22.45 -0.65
N GLN A 298 -11.11 -22.69 0.54
CA GLN A 298 -9.70 -22.43 0.81
C GLN A 298 -8.82 -23.15 -0.20
N GLN A 299 -9.02 -24.46 -0.35
CA GLN A 299 -8.18 -25.26 -1.23
C GLN A 299 -8.22 -24.75 -2.66
N LEU A 300 -9.42 -24.47 -3.18
CA LEU A 300 -9.54 -23.98 -4.53
C LEU A 300 -8.81 -22.65 -4.70
N LEU A 301 -8.95 -21.74 -3.74
CA LEU A 301 -8.30 -20.45 -3.83
C LEU A 301 -6.78 -20.57 -3.78
N GLN A 302 -6.27 -21.48 -2.95
CA GLN A 302 -4.82 -21.72 -2.95
C GLN A 302 -4.37 -22.29 -4.28
N GLU A 303 -5.17 -23.16 -4.90
CA GLU A 303 -4.77 -23.76 -6.17
C GLU A 303 -4.72 -22.73 -7.29
N MET A 304 -5.48 -21.65 -7.16
CA MET A 304 -5.48 -20.61 -8.20
C MET A 304 -4.15 -19.90 -8.28
N THR A 305 -3.53 -19.61 -7.13
CA THR A 305 -2.26 -18.91 -7.13
C THR A 305 -1.08 -19.85 -7.32
N ALA A 306 -1.29 -21.16 -7.27
CA ALA A 306 -0.20 -22.11 -7.46
C ALA A 306 0.18 -22.25 -8.93
N ARG B 11 1.50 30.78 -11.76
CA ARG B 11 0.76 29.60 -11.34
C ARG B 11 0.96 29.31 -9.85
N PHE B 12 2.06 29.78 -9.27
CA PHE B 12 2.28 29.67 -7.84
C PHE B 12 1.42 30.69 -7.10
N HIS B 13 1.00 30.33 -5.89
CA HIS B 13 0.23 31.21 -5.03
C HIS B 13 1.14 31.83 -3.97
N SER B 14 0.92 33.10 -3.69
CA SER B 14 1.69 33.82 -2.67
C SER B 14 0.92 33.76 -1.35
N PHE B 15 1.44 32.96 -0.42
CA PHE B 15 0.87 32.88 0.92
C PHE B 15 1.50 33.95 1.81
N SER B 16 0.76 34.37 2.82
CA SER B 16 1.34 35.11 3.92
C SER B 16 1.75 34.14 5.02
N PHE B 17 2.67 34.58 5.88
CA PHE B 17 3.09 33.73 6.99
C PHE B 17 1.92 33.46 7.94
N TYR B 18 1.09 34.47 8.18
CA TYR B 18 -0.10 34.29 9.01
C TYR B 18 -1.04 33.27 8.39
N GLU B 19 -1.17 33.29 7.07
CA GLU B 19 -2.00 32.31 6.38
C GLU B 19 -1.47 30.91 6.62
N LEU B 20 -0.15 30.72 6.48
CA LEU B 20 0.46 29.41 6.68
C LEU B 20 0.35 28.97 8.14
N LYS B 21 0.33 29.91 9.07
CA LYS B 21 -0.01 29.58 10.46
C LYS B 21 -1.39 28.94 10.54
N ASN B 22 -2.36 29.50 9.80
CA ASN B 22 -3.71 28.96 9.81
C ASN B 22 -3.84 27.65 9.06
N VAL B 23 -2.86 27.28 8.23
CA VAL B 23 -2.92 25.97 7.60
C VAL B 23 -2.17 24.89 8.38
N THR B 24 -1.26 25.27 9.28
CA THR B 24 -0.41 24.31 9.98
C THR B 24 -0.67 24.27 11.49
N ASN B 25 -1.85 24.71 11.94
CA ASN B 25 -2.14 24.83 13.38
C ASN B 25 -1.04 25.61 14.10
N ASN B 26 -0.71 26.77 13.52
CA ASN B 26 0.33 27.66 14.06
C ASN B 26 1.66 26.94 14.19
N PHE B 27 2.02 26.18 13.14
CA PHE B 27 3.27 25.42 13.08
C PHE B 27 3.46 24.57 14.32
N ASP B 28 2.47 23.72 14.58
CA ASP B 28 2.46 22.75 15.67
C ASP B 28 3.69 21.85 15.57
N GLU B 29 4.62 22.01 16.50
CA GLU B 29 5.88 21.25 16.45
C GLU B 29 5.73 19.82 16.93
N ARG B 30 4.59 19.46 17.49
CA ARG B 30 4.38 18.08 17.90
C ARG B 30 4.37 17.17 16.67
N PRO B 31 4.92 15.96 16.77
CA PRO B 31 4.89 15.04 15.64
C PRO B 31 3.45 14.74 15.24
N ILE B 32 3.25 14.50 13.94
CA ILE B 32 1.92 14.09 13.50
C ILE B 32 1.52 12.79 14.19
N SER B 33 2.50 12.02 14.65
CA SER B 33 2.25 10.77 15.36
C SER B 33 1.59 10.99 16.71
N VAL B 34 1.50 12.22 17.20
CA VAL B 34 0.82 12.48 18.48
C VAL B 34 -0.22 13.57 18.31
N GLY B 35 -0.62 13.83 17.06
CA GLY B 35 -1.67 14.79 16.78
C GLY B 35 -1.20 16.18 16.40
N GLY B 36 0.10 16.40 16.28
CA GLY B 36 0.66 17.67 15.88
C GLY B 36 0.75 17.80 14.38
N ASN B 37 1.67 18.65 13.91
CA ASN B 37 1.83 18.89 12.50
C ASN B 37 3.25 18.68 11.97
N LYS B 38 4.21 18.39 12.83
CA LYS B 38 5.59 18.18 12.38
C LYS B 38 5.74 16.78 11.77
N MET B 39 6.23 16.73 10.53
CA MET B 39 6.44 15.47 9.82
C MET B 39 7.90 15.08 9.68
N GLY B 40 8.81 16.05 9.70
CA GLY B 40 10.22 15.78 9.56
C GLY B 40 11.00 17.07 9.55
N GLU B 41 12.33 16.92 9.52
CA GLU B 41 13.23 18.06 9.54
C GLU B 41 14.43 17.78 8.64
N GLY B 42 14.96 18.84 8.05
CA GLY B 42 16.14 18.72 7.24
C GLY B 42 17.17 19.77 7.62
N GLY B 43 18.24 19.88 6.85
CA GLY B 43 19.21 20.94 7.10
C GLY B 43 18.65 22.31 6.79
N PHE B 44 17.65 22.39 5.92
CA PHE B 44 17.10 23.67 5.49
C PHE B 44 15.88 24.11 6.30
N GLY B 45 15.09 23.18 6.83
CA GLY B 45 13.93 23.60 7.60
C GLY B 45 13.11 22.42 8.08
N VAL B 46 12.04 22.75 8.80
CA VAL B 46 11.08 21.79 9.31
C VAL B 46 9.94 21.66 8.32
N VAL B 47 9.41 20.44 8.15
CA VAL B 47 8.31 20.17 7.25
C VAL B 47 7.05 19.92 8.07
N TYR B 48 5.99 20.65 7.77
CA TYR B 48 4.75 20.59 8.52
C TYR B 48 3.61 20.11 7.63
N LYS B 49 2.76 19.25 8.18
CA LYS B 49 1.50 18.92 7.53
C LYS B 49 0.54 20.09 7.65
N GLY B 50 -0.26 20.30 6.61
CA GLY B 50 -1.23 21.37 6.61
C GLY B 50 -2.39 21.05 5.69
N TYR B 51 -3.40 21.92 5.72
CA TYR B 51 -4.58 21.79 4.86
C TYR B 51 -4.90 23.14 4.26
N VAL B 52 -4.98 23.18 2.93
CA VAL B 52 -5.44 24.36 2.20
C VAL B 52 -6.72 23.96 1.49
N ASN B 53 -7.85 24.45 1.98
CA ASN B 53 -9.19 23.97 1.59
C ASN B 53 -9.20 22.48 1.88
N ASN B 54 -9.56 21.63 0.93
CA ASN B 54 -9.53 20.19 1.14
C ASN B 54 -8.23 19.56 0.64
N THR B 55 -7.27 20.37 0.19
CA THR B 55 -5.96 19.90 -0.21
C THR B 55 -5.07 19.85 1.02
N THR B 56 -4.55 18.66 1.33
CA THR B 56 -3.54 18.51 2.38
C THR B 56 -2.16 18.76 1.77
N VAL B 57 -1.34 19.51 2.49
CA VAL B 57 -0.10 20.05 1.97
C VAL B 57 1.02 19.80 2.97
N ALA B 58 2.25 19.98 2.48
CA ALA B 58 3.45 19.97 3.31
C ALA B 58 4.12 21.33 3.20
N VAL B 59 4.33 21.97 4.34
CA VAL B 59 4.90 23.31 4.40
C VAL B 59 6.30 23.21 5.01
N LYS B 60 7.31 23.60 4.24
CA LYS B 60 8.70 23.61 4.71
C LYS B 60 9.05 25.02 5.15
N LYS B 61 9.24 25.21 6.46
CA LYS B 61 9.64 26.49 7.01
C LYS B 61 11.16 26.51 7.07
N LEU B 62 11.78 27.24 6.14
CA LEU B 62 13.24 27.28 6.05
C LEU B 62 13.83 27.96 7.26
N ALA B 63 14.89 27.36 7.82
CA ALA B 63 15.64 27.94 8.92
C ALA B 63 17.12 27.87 8.61
N ALA B 64 17.85 28.87 9.11
CA ALA B 64 19.32 28.91 8.96
C ALA B 64 19.94 28.00 10.02
N ASP B 67 24.27 26.87 9.41
CA ASP B 67 25.31 27.90 9.51
C ASP B 67 25.53 28.57 8.16
N ILE B 68 24.43 28.91 7.50
CA ILE B 68 24.43 29.56 6.21
C ILE B 68 23.88 30.97 6.37
N THR B 69 24.43 31.91 5.61
CA THR B 69 24.02 33.30 5.71
C THR B 69 22.56 33.46 5.31
N THR B 70 21.92 34.50 5.86
CA THR B 70 20.55 34.79 5.50
C THR B 70 20.40 35.07 4.01
N GLU B 71 21.43 35.68 3.40
CA GLU B 71 21.40 35.88 1.95
C GLU B 71 21.38 34.55 1.21
N GLU B 72 22.14 33.57 1.69
CA GLU B 72 22.22 32.29 1.00
C GLU B 72 20.96 31.43 1.23
N LEU B 73 20.31 31.55 2.38
CA LEU B 73 19.02 30.89 2.57
C LEU B 73 17.99 31.44 1.60
N LYS B 74 17.99 32.75 1.36
CA LYS B 74 17.13 33.33 0.35
C LYS B 74 17.50 32.84 -1.05
N GLN B 75 18.79 32.59 -1.30
CA GLN B 75 19.21 32.09 -2.61
C GLN B 75 18.63 30.69 -2.87
N GLN B 76 18.67 29.81 -1.88
CA GLN B 76 18.06 28.49 -2.03
C GLN B 76 16.55 28.61 -2.21
N PHE B 77 15.92 29.54 -1.47
CA PHE B 77 14.48 29.76 -1.59
C PHE B 77 14.11 30.17 -3.01
N ASP B 78 14.83 31.15 -3.57
CA ASP B 78 14.53 31.60 -4.93
C ASP B 78 14.87 30.55 -5.97
N GLN B 79 15.91 29.75 -5.73
CA GLN B 79 16.28 28.72 -6.70
C GLN B 79 15.25 27.60 -6.73
N GLU B 80 14.74 27.19 -5.56
CA GLU B 80 13.68 26.20 -5.53
C GLU B 80 12.50 26.64 -6.39
N ILE B 81 12.12 27.91 -6.28
CA ILE B 81 10.99 28.44 -7.03
C ILE B 81 11.27 28.42 -8.52
N LYS B 82 12.45 28.88 -8.92
CA LYS B 82 12.77 28.94 -10.35
C LYS B 82 12.79 27.56 -10.99
N VAL B 83 13.39 26.57 -10.31
CA VAL B 83 13.39 25.22 -10.84
C VAL B 83 11.98 24.66 -10.92
N MET B 84 11.16 24.91 -9.89
CA MET B 84 9.81 24.39 -9.90
C MET B 84 8.93 25.05 -10.96
N ALA B 85 9.16 26.33 -11.23
CA ALA B 85 8.42 26.98 -12.32
C ALA B 85 8.74 26.34 -13.66
N LYS B 86 9.97 25.86 -13.85
CA LYS B 86 10.39 25.28 -15.12
C LYS B 86 10.21 23.77 -15.19
N CYS B 87 10.16 23.09 -14.05
CA CYS B 87 10.21 21.62 -14.02
C CYS B 87 8.94 21.04 -13.39
N GLN B 88 8.04 20.57 -14.25
CA GLN B 88 6.86 19.83 -13.83
C GLN B 88 6.91 18.45 -14.48
N HIS B 89 6.71 17.41 -13.66
CA HIS B 89 6.85 16.03 -14.12
C HIS B 89 6.16 15.12 -13.12
N GLU B 90 5.73 13.94 -13.60
CA GLU B 90 5.11 12.94 -12.73
C GLU B 90 5.97 12.65 -11.52
N ASN B 91 7.29 12.55 -11.74
CA ASN B 91 8.22 12.06 -10.73
C ASN B 91 8.99 13.20 -10.07
N LEU B 92 8.39 14.38 -10.02
CA LEU B 92 8.90 15.52 -9.27
C LEU B 92 7.77 16.03 -8.38
N VAL B 93 8.10 16.40 -7.15
CA VAL B 93 7.10 16.99 -6.27
C VAL B 93 6.66 18.32 -6.87
N GLU B 94 5.43 18.71 -6.55
CA GLU B 94 4.81 19.90 -7.14
C GLU B 94 4.73 21.00 -6.09
N LEU B 95 5.34 22.13 -6.39
CA LEU B 95 5.24 23.30 -5.53
C LEU B 95 3.90 23.99 -5.74
N LEU B 96 3.13 24.13 -4.68
CA LEU B 96 1.87 24.87 -4.75
C LEU B 96 2.06 26.37 -4.58
N GLY B 97 3.09 26.79 -3.87
CA GLY B 97 3.30 28.20 -3.60
C GLY B 97 4.35 28.39 -2.51
N PHE B 98 4.37 29.60 -1.98
CA PHE B 98 5.44 30.00 -1.07
C PHE B 98 5.02 31.25 -0.33
N SER B 99 5.73 31.54 0.76
CA SER B 99 5.56 32.77 1.51
C SER B 99 6.94 33.36 1.78
N SER B 100 7.10 34.65 1.50
CA SER B 100 8.35 35.35 1.74
C SER B 100 8.20 36.53 2.69
N ASP B 101 7.01 36.77 3.21
CA ASP B 101 6.77 37.93 4.06
C ASP B 101 7.27 37.69 5.47
N GLY B 102 7.28 38.76 6.27
CA GLY B 102 7.76 38.65 7.64
C GLY B 102 9.23 38.28 7.69
N ASP B 103 9.59 37.51 8.72
CA ASP B 103 10.96 37.06 8.92
C ASP B 103 11.13 35.58 8.60
N ASP B 104 10.23 35.02 7.80
CA ASP B 104 10.27 33.59 7.53
C ASP B 104 10.09 33.31 6.05
N LEU B 105 10.64 32.18 5.62
CA LEU B 105 10.57 31.72 4.24
C LEU B 105 10.01 30.31 4.24
N CYS B 106 8.85 30.13 3.61
CA CYS B 106 8.18 28.84 3.59
C CYS B 106 7.87 28.43 2.16
N LEU B 107 7.95 27.12 1.91
CA LEU B 107 7.59 26.52 0.63
C LEU B 107 6.45 25.55 0.87
N VAL B 108 5.43 25.61 0.00
CA VAL B 108 4.22 24.81 0.16
C VAL B 108 4.14 23.82 -0.99
N TYR B 109 4.08 22.54 -0.65
CA TYR B 109 4.04 21.45 -1.62
C TYR B 109 2.80 20.61 -1.40
N VAL B 110 2.46 19.83 -2.43
CA VAL B 110 1.41 18.83 -2.27
C VAL B 110 1.91 17.75 -1.32
N TYR B 111 1.04 17.36 -0.38
CA TYR B 111 1.37 16.34 0.60
C TYR B 111 1.52 14.98 -0.07
N MET B 112 2.49 14.18 0.41
CA MET B 112 2.79 12.88 -0.17
C MET B 112 2.42 11.79 0.83
N PRO B 113 1.28 11.12 0.65
CA PRO B 113 0.73 10.29 1.73
C PRO B 113 1.65 9.20 2.27
N ASN B 114 2.57 8.67 1.47
CA ASN B 114 3.45 7.60 1.95
C ASN B 114 4.85 8.10 2.29
N GLY B 115 5.03 9.41 2.41
CA GLY B 115 6.24 9.95 2.98
C GLY B 115 7.47 9.75 2.10
N SER B 116 8.60 9.54 2.77
CA SER B 116 9.89 9.42 2.10
C SER B 116 10.26 7.95 1.91
N LEU B 117 11.02 7.69 0.83
CA LEU B 117 11.54 6.36 0.60
C LEU B 117 12.43 5.91 1.76
N LEU B 118 13.18 6.84 2.34
CA LEU B 118 14.02 6.51 3.50
C LEU B 118 13.17 5.93 4.63
N ASP B 119 12.05 6.58 4.95
CA ASP B 119 11.22 6.13 6.06
C ASP B 119 10.54 4.80 5.74
N ARG B 120 10.11 4.61 4.50
CA ARG B 120 9.43 3.35 4.15
C ARG B 120 10.41 2.20 4.08
N LEU B 121 11.66 2.44 3.67
CA LEU B 121 12.68 1.41 3.74
C LEU B 121 12.96 1.02 5.19
N SER B 122 12.89 1.96 6.12
CA SER B 122 13.06 1.70 7.53
C SER B 122 11.79 1.25 8.23
N CYS B 123 10.66 1.25 7.49
CA CYS B 123 9.35 0.88 8.05
C CYS B 123 8.98 1.76 9.24
N LEU B 124 9.38 3.03 9.18
CA LEU B 124 9.08 3.97 10.25
C LEU B 124 7.58 4.03 10.50
N ASP B 125 7.22 4.09 11.78
CA ASP B 125 5.82 4.15 12.22
C ASP B 125 5.03 2.91 11.82
N GLY B 126 5.73 1.78 11.64
CA GLY B 126 5.05 0.51 11.43
C GLY B 126 4.50 0.27 10.05
N THR B 127 4.95 1.03 9.05
CA THR B 127 4.52 0.76 7.69
C THR B 127 5.11 -0.56 7.20
N PRO B 128 4.37 -1.29 6.35
CA PRO B 128 4.83 -2.63 5.96
C PRO B 128 6.05 -2.55 5.08
N PRO B 129 6.91 -3.58 5.09
CA PRO B 129 8.08 -3.58 4.22
C PRO B 129 7.69 -3.49 2.75
N LEU B 130 8.51 -2.77 1.99
CA LEU B 130 8.26 -2.61 0.56
C LEU B 130 8.66 -3.87 -0.19
N SER B 131 7.78 -4.32 -1.07
CA SER B 131 8.08 -5.48 -1.89
C SER B 131 9.17 -5.16 -2.91
N TRP B 132 9.80 -6.21 -3.43
CA TRP B 132 10.81 -5.99 -4.47
C TRP B 132 10.20 -5.41 -5.73
N HIS B 133 8.99 -5.87 -6.09
CA HIS B 133 8.31 -5.32 -7.25
C HIS B 133 8.08 -3.83 -7.10
N MET B 134 7.63 -3.39 -5.94
CA MET B 134 7.44 -1.96 -5.70
C MET B 134 8.77 -1.21 -5.69
N ARG B 135 9.82 -1.84 -5.14
CA ARG B 135 11.13 -1.19 -5.11
C ARG B 135 11.65 -0.93 -6.52
N CYS B 136 11.41 -1.88 -7.43
CA CYS B 136 11.82 -1.69 -8.82
C CYS B 136 11.06 -0.55 -9.49
N LYS B 137 9.76 -0.43 -9.20
CA LYS B 137 8.98 0.67 -9.77
C LYS B 137 9.40 2.02 -9.18
N ILE B 138 9.71 2.04 -7.88
CA ILE B 138 10.18 3.28 -7.27
C ILE B 138 11.53 3.69 -7.85
N ALA B 139 12.42 2.72 -8.05
CA ALA B 139 13.74 3.01 -8.63
C ALA B 139 13.59 3.58 -10.03
N GLN B 140 12.73 2.98 -10.85
CA GLN B 140 12.50 3.50 -12.20
C GLN B 140 11.85 4.88 -12.17
N GLY B 141 10.87 5.07 -11.28
CA GLY B 141 10.23 6.37 -11.18
C GLY B 141 11.22 7.48 -10.81
N ALA B 142 12.09 7.21 -9.85
CA ALA B 142 13.09 8.19 -9.46
C ALA B 142 14.06 8.50 -10.61
N ALA B 143 14.44 7.47 -11.36
CA ALA B 143 15.34 7.68 -12.50
C ALA B 143 14.68 8.55 -13.55
N ASN B 144 13.39 8.34 -13.81
CA ASN B 144 12.68 9.20 -14.74
C ASN B 144 12.62 10.64 -14.26
N GLY B 145 12.48 10.85 -12.94
CA GLY B 145 12.52 12.20 -12.41
C GLY B 145 13.86 12.86 -12.59
N ILE B 146 14.94 12.12 -12.27
CA ILE B 146 16.29 12.64 -12.46
C ILE B 146 16.54 12.93 -13.94
N ASN B 147 16.00 12.08 -14.82
CA ASN B 147 16.18 12.29 -16.25
C ASN B 147 15.55 13.59 -16.71
N PHE B 148 14.34 13.90 -16.22
CA PHE B 148 13.70 15.15 -16.61
C PHE B 148 14.52 16.35 -16.18
N LEU B 149 15.11 16.28 -14.98
CA LEU B 149 15.97 17.37 -14.52
C LEU B 149 17.20 17.52 -15.40
N HIS B 150 17.89 16.41 -15.67
CA HIS B 150 19.08 16.46 -16.51
C HIS B 150 18.74 16.83 -17.94
N GLU B 151 17.58 16.40 -18.45
CA GLU B 151 17.15 16.78 -19.79
C GLU B 151 16.88 18.28 -19.88
N ASN B 152 16.47 18.91 -18.77
CA ASN B 152 16.28 20.35 -18.72
C ASN B 152 17.47 21.06 -18.10
N HIS B 153 18.63 20.41 -18.11
CA HIS B 153 19.91 21.03 -17.75
C HIS B 153 19.93 21.50 -16.29
N HIS B 154 19.47 20.62 -15.40
CA HIS B 154 19.46 20.89 -13.97
C HIS B 154 20.21 19.79 -13.24
N ILE B 155 20.99 20.19 -12.24
CA ILE B 155 21.74 19.29 -11.38
C ILE B 155 21.12 19.37 -9.99
N HIS B 156 20.70 18.21 -9.46
CA HIS B 156 19.98 18.22 -8.18
C HIS B 156 20.91 18.55 -7.02
N ARG B 157 22.01 17.79 -6.88
CA ARG B 157 23.08 17.93 -5.89
C ARG B 157 22.71 17.38 -4.51
N ASP B 158 21.48 16.90 -4.29
CA ASP B 158 21.16 16.27 -3.01
C ASP B 158 20.30 15.02 -3.20
N ILE B 159 20.64 14.21 -4.20
CA ILE B 159 19.92 12.97 -4.43
C ILE B 159 20.15 12.04 -3.24
N LYS B 160 19.07 11.66 -2.56
CA LYS B 160 19.13 10.70 -1.48
C LYS B 160 17.71 10.20 -1.20
N SER B 161 17.63 9.09 -0.47
CA SER B 161 16.33 8.45 -0.24
C SER B 161 15.40 9.36 0.55
N ALA B 162 15.94 10.19 1.44
CA ALA B 162 15.12 11.17 2.13
C ALA B 162 14.51 12.18 1.17
N ASN B 163 15.10 12.36 -0.01
CA ASN B 163 14.62 13.30 -1.00
C ASN B 163 13.87 12.63 -2.14
N ILE B 164 13.45 11.38 -1.94
CA ILE B 164 12.54 10.69 -2.85
C ILE B 164 11.27 10.40 -2.06
N LEU B 165 10.17 11.00 -2.47
CA LEU B 165 8.90 10.89 -1.74
C LEU B 165 7.92 10.03 -2.53
N LEU B 166 6.86 9.61 -1.84
CA LEU B 166 5.96 8.57 -2.35
C LEU B 166 4.51 8.98 -2.12
N ASP B 167 3.73 9.03 -3.21
CA ASP B 167 2.33 9.42 -3.10
C ASP B 167 1.48 8.19 -2.75
N GLU B 168 0.16 8.33 -2.87
CA GLU B 168 -0.75 7.29 -2.41
C GLU B 168 -0.49 5.97 -3.14
N ALA B 169 -0.17 6.04 -4.43
CA ALA B 169 0.12 4.85 -5.22
C ALA B 169 1.59 4.47 -5.21
N PHE B 170 2.38 5.06 -4.31
CA PHE B 170 3.82 4.82 -4.21
C PHE B 170 4.56 5.24 -5.47
N THR B 171 4.01 6.21 -6.19
CA THR B 171 4.75 6.87 -7.26
C THR B 171 5.87 7.69 -6.62
N ALA B 172 7.07 7.55 -7.16
CA ALA B 172 8.23 8.22 -6.59
C ALA B 172 8.39 9.62 -7.16
N LYS B 173 8.70 10.59 -6.31
CA LYS B 173 8.83 11.98 -6.73
C LYS B 173 10.06 12.60 -6.08
N ILE B 174 10.96 13.14 -6.92
CA ILE B 174 12.17 13.79 -6.43
C ILE B 174 11.82 15.13 -5.81
N SER B 175 12.55 15.49 -4.75
CA SER B 175 12.24 16.67 -3.96
C SER B 175 13.52 17.40 -3.56
N ASP B 176 13.33 18.57 -2.93
CA ASP B 176 14.41 19.36 -2.33
C ASP B 176 15.41 19.84 -3.38
N PHE B 177 14.93 20.75 -4.22
CA PHE B 177 15.74 21.37 -5.28
C PHE B 177 16.43 22.65 -4.81
N GLY B 178 16.70 22.80 -3.51
CA GLY B 178 17.29 24.04 -3.02
C GLY B 178 18.73 24.24 -3.43
N LEU B 179 19.46 23.16 -3.66
CA LEU B 179 20.85 23.23 -4.07
C LEU B 179 21.04 23.04 -5.57
N ALA B 180 19.94 23.01 -6.33
CA ALA B 180 20.01 22.73 -7.75
C ALA B 180 20.74 23.84 -8.50
N ARG B 181 21.32 23.47 -9.64
CA ARG B 181 22.09 24.40 -10.46
C ARG B 181 21.79 24.13 -11.94
N ALA B 182 22.12 25.12 -12.76
CA ALA B 182 22.01 24.95 -14.20
C ALA B 182 23.17 24.09 -14.72
N SER B 183 22.95 23.52 -15.91
CA SER B 183 23.96 22.70 -16.57
C SER B 183 24.17 23.20 -17.99
N TPO B 189 32.73 20.19 -13.84
CA TPO B 189 33.54 20.98 -14.76
CB TPO B 189 33.08 20.73 -16.21
CG2 TPO B 189 33.59 21.79 -17.19
OG1 TPO B 189 33.63 19.49 -16.64
P TPO B 189 32.54 18.29 -16.59
O1P TPO B 189 32.08 18.07 -15.20
O2P TPO B 189 31.28 18.62 -17.54
O3P TPO B 189 33.25 16.94 -17.12
C TPO B 189 33.46 22.46 -14.34
O TPO B 189 34.33 23.26 -14.69
N VAL B 190 32.44 22.79 -13.56
CA VAL B 190 32.39 24.05 -12.82
C VAL B 190 32.61 23.73 -11.34
N MET B 191 33.43 24.54 -10.65
CA MET B 191 33.71 24.29 -9.24
C MET B 191 33.08 25.35 -8.33
N TPO B 192 32.98 25.04 -7.05
CA TPO B 192 32.49 26.00 -6.06
CB TPO B 192 31.01 25.76 -5.78
CG2 TPO B 192 30.81 24.30 -5.35
OG1 TPO B 192 30.59 26.60 -4.70
P TPO B 192 29.63 27.76 -5.27
O1P TPO B 192 29.46 27.63 -6.74
O2P TPO B 192 30.28 29.19 -4.93
O3P TPO B 192 28.18 27.66 -4.58
C TPO B 192 33.27 25.94 -4.75
O TPO B 192 33.84 24.91 -4.39
N SEP B 193 33.27 27.05 -4.03
CA SEP B 193 33.95 27.17 -2.75
CB SEP B 193 34.26 28.63 -2.44
OG SEP B 193 34.70 29.32 -3.61
C SEP B 193 33.10 26.56 -1.65
O SEP B 193 33.61 25.97 -0.70
P SEP B 193 34.06 30.80 -3.66
O1P SEP B 193 32.97 30.88 -4.84
O2P SEP B 193 35.24 31.85 -3.96
O3P SEP B 193 33.36 31.15 -2.26
N ARG B 194 31.78 26.71 -1.79
CA ARG B 194 30.83 26.19 -0.82
C ARG B 194 30.35 24.80 -1.20
N ILE B 195 31.07 23.79 -0.73
CA ILE B 195 30.66 22.41 -0.95
C ILE B 195 29.44 22.11 -0.08
N VAL B 196 28.39 21.56 -0.69
CA VAL B 196 27.18 21.24 0.05
C VAL B 196 26.60 19.94 -0.48
N GLY B 197 25.91 19.24 0.41
CA GLY B 197 25.32 17.97 0.10
C GLY B 197 25.27 17.12 1.35
N THR B 198 24.89 15.86 1.15
CA THR B 198 24.90 14.87 2.22
C THR B 198 26.08 13.95 1.98
N THR B 199 27.07 13.99 2.87
CA THR B 199 28.37 13.38 2.60
C THR B 199 28.27 11.89 2.34
N ALA B 200 27.33 11.20 3.00
CA ALA B 200 27.18 9.76 2.81
C ALA B 200 26.76 9.40 1.39
N TYR B 201 26.24 10.36 0.62
CA TYR B 201 25.80 10.11 -0.74
C TYR B 201 26.68 10.74 -1.81
N MET B 202 27.53 11.70 -1.43
CA MET B 202 28.21 12.53 -2.42
C MET B 202 29.34 11.78 -3.13
N ALA B 203 29.46 12.03 -4.42
CA ALA B 203 30.58 11.51 -5.20
C ALA B 203 31.89 12.16 -4.74
N PRO B 204 33.02 11.50 -4.98
CA PRO B 204 34.30 12.11 -4.56
C PRO B 204 34.53 13.48 -5.15
N GLU B 205 34.19 13.69 -6.42
CA GLU B 205 34.39 15.00 -7.03
C GLU B 205 33.47 16.05 -6.41
N ALA B 206 32.27 15.65 -5.98
CA ALA B 206 31.36 16.59 -5.33
C ALA B 206 31.92 17.05 -3.99
N LEU B 207 32.58 16.13 -3.26
CA LEU B 207 33.24 16.51 -2.02
C LEU B 207 34.38 17.50 -2.26
N ARG B 208 34.91 17.55 -3.48
CA ARG B 208 35.97 18.48 -3.84
C ARG B 208 35.43 19.76 -4.48
N GLY B 209 34.12 19.92 -4.58
CA GLY B 209 33.54 21.14 -5.10
C GLY B 209 33.10 21.09 -6.55
N GLU B 210 33.29 19.97 -7.23
CA GLU B 210 32.81 19.85 -8.60
C GLU B 210 31.29 19.84 -8.62
N ILE B 211 30.73 20.55 -9.60
CA ILE B 211 29.30 20.53 -9.86
C ILE B 211 29.10 19.92 -11.24
N THR B 212 28.44 18.76 -11.28
CA THR B 212 28.26 18.04 -12.54
C THR B 212 27.08 17.10 -12.41
N PRO B 213 26.35 16.83 -13.48
CA PRO B 213 25.28 15.83 -13.42
C PRO B 213 25.76 14.45 -13.03
N LYS B 214 27.03 14.13 -13.34
CA LYS B 214 27.58 12.83 -13.00
C LYS B 214 27.62 12.58 -11.50
N SER B 215 27.63 13.64 -10.69
CA SER B 215 27.52 13.47 -9.24
C SER B 215 26.15 12.93 -8.85
N ASP B 216 25.09 13.39 -9.52
CA ASP B 216 23.76 12.89 -9.22
C ASP B 216 23.67 11.39 -9.47
N ILE B 217 24.31 10.91 -10.54
CA ILE B 217 24.30 9.48 -10.85
C ILE B 217 24.95 8.68 -9.73
N TYR B 218 26.08 9.16 -9.21
CA TYR B 218 26.75 8.48 -8.11
C TYR B 218 25.84 8.39 -6.89
N SER B 219 25.18 9.50 -6.54
CA SER B 219 24.29 9.51 -5.39
C SER B 219 23.10 8.58 -5.59
N PHE B 220 22.56 8.53 -6.81
CA PHE B 220 21.49 7.57 -7.09
C PHE B 220 21.96 6.14 -6.93
N GLY B 221 23.25 5.88 -7.19
CA GLY B 221 23.79 4.56 -6.92
C GLY B 221 23.70 4.18 -5.46
N VAL B 222 23.97 5.13 -4.56
CA VAL B 222 23.77 4.88 -3.14
C VAL B 222 22.31 4.58 -2.84
N VAL B 223 21.40 5.33 -3.46
CA VAL B 223 19.97 5.12 -3.26
C VAL B 223 19.60 3.71 -3.69
N LEU B 224 20.10 3.27 -4.85
CA LEU B 224 19.85 1.90 -5.30
C LEU B 224 20.36 0.89 -4.28
N LEU B 225 21.51 1.16 -3.67
CA LEU B 225 22.03 0.29 -2.63
C LEU B 225 21.11 0.25 -1.41
N GLU B 226 20.53 1.41 -1.04
CA GLU B 226 19.55 1.43 0.05
C GLU B 226 18.34 0.58 -0.30
N ILE B 227 17.88 0.66 -1.55
CA ILE B 227 16.71 -0.09 -1.97
C ILE B 227 16.99 -1.59 -1.91
N ILE B 228 18.18 -2.01 -2.36
CA ILE B 228 18.54 -3.42 -2.35
C ILE B 228 18.66 -3.94 -0.92
N THR B 229 19.30 -3.17 -0.04
CA THR B 229 19.71 -3.66 1.28
C THR B 229 18.76 -3.29 2.40
N GLY B 230 17.94 -2.26 2.23
CA GLY B 230 17.17 -1.74 3.33
C GLY B 230 17.97 -0.99 4.36
N LEU B 231 19.26 -0.74 4.09
CA LEU B 231 20.17 -0.09 5.01
C LEU B 231 20.30 1.39 4.68
N PRO B 232 20.28 2.25 5.69
CA PRO B 232 20.54 3.68 5.45
C PRO B 232 21.98 3.91 5.03
N ALA B 233 22.20 5.01 4.30
CA ALA B 233 23.51 5.27 3.71
C ALA B 233 24.61 5.33 4.76
N VAL B 234 24.28 5.75 5.98
CA VAL B 234 25.20 5.76 7.11
C VAL B 234 24.42 5.40 8.38
N ASP B 235 25.01 4.56 9.22
CA ASP B 235 24.42 4.09 10.47
C ASP B 235 25.53 4.05 11.50
N GLU B 236 25.49 4.92 12.50
CA GLU B 236 26.62 5.05 13.41
C GLU B 236 26.85 3.78 14.21
N HIS B 237 25.81 2.99 14.41
CA HIS B 237 25.89 1.73 15.17
C HIS B 237 26.05 0.54 14.23
N ARG B 238 26.83 0.70 13.16
CA ARG B 238 26.97 -0.36 12.16
C ARG B 238 28.37 -0.32 11.56
N GLU B 239 28.87 -1.49 11.20
CA GLU B 239 30.16 -1.63 10.52
C GLU B 239 29.97 -2.50 9.28
N PRO B 240 30.30 -2.02 8.07
CA PRO B 240 30.84 -0.69 7.77
C PRO B 240 29.84 0.41 8.02
N GLN B 241 30.35 1.56 8.44
CA GLN B 241 29.48 2.67 8.75
C GLN B 241 28.83 3.24 7.49
N LEU B 242 29.50 3.22 6.35
CA LEU B 242 28.95 3.85 5.15
C LEU B 242 28.51 2.76 4.17
N LEU B 243 27.32 2.93 3.60
CA LEU B 243 26.77 1.90 2.73
C LEU B 243 27.67 1.63 1.53
N LEU B 244 28.22 2.69 0.92
CA LEU B 244 29.07 2.50 -0.24
C LEU B 244 30.34 1.73 0.09
N ASP B 245 30.66 1.57 1.38
CA ASP B 245 31.72 0.66 1.78
C ASP B 245 31.31 -0.80 1.68
N ILE B 246 30.05 -1.10 1.38
CA ILE B 246 29.70 -2.49 1.07
C ILE B 246 29.97 -2.81 -0.40
N LYS B 247 30.03 -1.79 -1.26
CA LYS B 247 30.59 -1.98 -2.59
C LYS B 247 32.08 -2.29 -2.55
N GLU B 248 32.65 -2.42 -1.34
CA GLU B 248 34.00 -2.88 -1.07
C GLU B 248 34.05 -4.37 -0.88
N GLU B 249 33.25 -4.85 0.06
CA GLU B 249 33.31 -6.23 0.47
C GLU B 249 32.88 -7.13 -0.68
N ILE B 250 31.87 -6.71 -1.43
CA ILE B 250 31.38 -7.54 -2.54
C ILE B 250 32.42 -7.62 -3.65
N GLU B 251 32.94 -6.47 -4.09
CA GLU B 251 33.89 -6.49 -5.21
C GLU B 251 35.20 -7.16 -4.81
N ASP B 252 35.63 -6.99 -3.57
CA ASP B 252 36.77 -7.72 -3.03
C ASP B 252 36.41 -9.13 -2.59
N GLU B 253 35.19 -9.59 -2.91
CA GLU B 253 34.70 -10.93 -2.66
C GLU B 253 34.66 -11.28 -1.17
N GLU B 254 34.80 -10.29 -0.29
CA GLU B 254 34.69 -10.55 1.14
C GLU B 254 33.27 -10.92 1.53
N LYS B 255 32.28 -10.33 0.85
CA LYS B 255 30.88 -10.68 1.04
C LYS B 255 30.26 -10.81 -0.34
N THR B 256 28.97 -11.13 -0.38
CA THR B 256 28.23 -11.14 -1.64
C THR B 256 27.03 -10.23 -1.53
N ILE B 257 26.46 -9.90 -2.69
CA ILE B 257 25.23 -9.11 -2.71
C ILE B 257 24.11 -9.86 -2.01
N GLU B 258 24.07 -11.19 -2.17
CA GLU B 258 23.08 -12.00 -1.50
C GLU B 258 23.14 -11.83 0.02
N ASP B 259 24.33 -11.62 0.57
CA ASP B 259 24.47 -11.42 2.01
C ASP B 259 23.76 -10.15 2.48
N TYR B 260 23.71 -9.12 1.64
CA TYR B 260 23.22 -7.82 2.06
C TYR B 260 21.82 -7.50 1.54
N ILE B 261 21.23 -8.38 0.74
CA ILE B 261 19.85 -8.17 0.29
C ILE B 261 18.94 -8.02 1.50
N ASP B 262 18.11 -6.98 1.48
CA ASP B 262 17.12 -6.77 2.53
C ASP B 262 16.37 -8.07 2.79
N LYS B 263 16.38 -8.51 4.04
CA LYS B 263 15.70 -9.75 4.40
C LYS B 263 14.21 -9.54 4.63
N LYS B 264 13.74 -8.31 4.51
CA LYS B 264 12.34 -7.94 4.72
C LYS B 264 11.55 -7.98 3.43
N MET B 265 11.91 -8.92 2.55
CA MET B 265 11.31 -9.12 1.24
C MET B 265 11.10 -10.61 1.02
N ASN B 266 10.06 -10.96 0.25
CA ASN B 266 9.88 -12.35 -0.14
C ASN B 266 9.72 -12.56 -1.65
N ASP B 267 9.82 -11.50 -2.45
CA ASP B 267 9.53 -11.57 -3.87
C ASP B 267 10.72 -11.09 -4.72
N ALA B 268 11.94 -11.29 -4.22
CA ALA B 268 13.13 -10.80 -4.88
C ALA B 268 13.82 -11.95 -5.60
N ASP B 269 13.64 -12.03 -6.92
CA ASP B 269 14.42 -12.97 -7.69
C ASP B 269 15.88 -12.52 -7.70
N SER B 270 16.79 -13.47 -7.51
CA SER B 270 18.20 -13.14 -7.37
C SER B 270 18.73 -12.48 -8.64
N THR B 271 18.22 -12.88 -9.80
CA THR B 271 18.66 -12.29 -11.05
C THR B 271 18.32 -10.80 -11.11
N SER B 272 17.09 -10.44 -10.71
CA SER B 272 16.70 -9.04 -10.75
C SER B 272 17.45 -8.22 -9.71
N VAL B 273 17.65 -8.77 -8.51
CA VAL B 273 18.42 -8.07 -7.48
C VAL B 273 19.84 -7.85 -7.96
N GLU B 274 20.46 -8.88 -8.53
CA GLU B 274 21.80 -8.74 -9.06
C GLU B 274 21.84 -7.76 -10.24
N ALA B 275 20.75 -7.67 -11.00
CA ALA B 275 20.69 -6.70 -12.09
C ALA B 275 20.70 -5.27 -11.56
N MET B 276 19.98 -5.02 -10.47
CA MET B 276 19.97 -3.68 -9.90
C MET B 276 21.30 -3.33 -9.25
N TYR B 277 21.96 -4.32 -8.62
CA TYR B 277 23.28 -4.06 -8.06
C TYR B 277 24.26 -3.62 -9.14
N SER B 278 24.19 -4.27 -10.31
CA SER B 278 25.11 -3.91 -11.40
C SER B 278 24.93 -2.47 -11.83
N VAL B 279 23.67 -2.01 -11.93
CA VAL B 279 23.43 -0.59 -12.22
C VAL B 279 24.01 0.28 -11.11
N ALA B 280 23.79 -0.11 -9.86
CA ALA B 280 24.32 0.67 -8.74
C ALA B 280 25.84 0.71 -8.77
N SER B 281 26.49 -0.44 -9.02
CA SER B 281 27.94 -0.48 -9.12
C SER B 281 28.44 0.41 -10.24
N GLN B 282 27.77 0.38 -11.40
CA GLN B 282 28.15 1.24 -12.51
C GLN B 282 28.01 2.71 -12.14
N CYS B 283 26.90 3.07 -11.48
CA CYS B 283 26.72 4.44 -11.00
C CYS B 283 27.81 4.84 -10.03
N LEU B 284 28.34 3.88 -9.26
CA LEU B 284 29.29 4.15 -8.20
C LEU B 284 30.74 4.03 -8.66
N HIS B 285 30.99 4.13 -9.96
CA HIS B 285 32.36 4.25 -10.43
C HIS B 285 32.97 5.52 -9.86
N GLU B 286 34.12 5.38 -9.20
CA GLU B 286 34.77 6.54 -8.60
C GLU B 286 35.22 7.54 -9.65
N LYS B 287 35.42 7.08 -10.87
CA LYS B 287 35.80 7.93 -12.00
C LYS B 287 34.50 8.40 -12.65
N LYS B 288 34.23 9.70 -12.57
CA LYS B 288 32.91 10.21 -12.94
C LYS B 288 32.56 9.92 -14.39
N ASN B 289 33.54 9.96 -15.28
CA ASN B 289 33.26 9.78 -16.70
C ASN B 289 33.05 8.32 -17.09
N LYS B 290 33.33 7.37 -16.20
CA LYS B 290 32.96 5.99 -16.43
C LYS B 290 31.54 5.69 -15.99
N ARG B 291 30.90 6.61 -15.28
CA ARG B 291 29.53 6.40 -14.83
C ARG B 291 28.56 6.52 -16.01
N PRO B 292 27.48 5.73 -16.00
CA PRO B 292 26.45 5.91 -17.03
C PRO B 292 25.71 7.23 -16.84
N ASP B 293 25.23 7.78 -17.96
CA ASP B 293 24.33 8.91 -17.84
C ASP B 293 22.95 8.43 -17.42
N ILE B 294 22.06 9.38 -17.10
CA ILE B 294 20.77 9.03 -16.52
C ILE B 294 19.94 8.21 -17.49
N LYS B 295 20.04 8.49 -18.80
CA LYS B 295 19.27 7.72 -19.77
C LYS B 295 19.74 6.28 -19.86
N LYS B 296 21.05 6.04 -19.69
CA LYS B 296 21.54 4.66 -19.63
C LYS B 296 21.03 3.95 -18.38
N VAL B 297 21.02 4.65 -17.25
CA VAL B 297 20.46 4.05 -16.03
C VAL B 297 19.00 3.70 -16.23
N GLN B 298 18.25 4.59 -16.90
CA GLN B 298 16.85 4.32 -17.22
C GLN B 298 16.70 3.02 -18.00
N GLN B 299 17.45 2.90 -19.10
CA GLN B 299 17.32 1.72 -19.96
C GLN B 299 17.69 0.45 -19.19
N LEU B 300 18.75 0.52 -18.38
CA LEU B 300 19.14 -0.64 -17.59
C LEU B 300 18.03 -1.04 -16.61
N LEU B 301 17.39 -0.06 -15.97
CA LEU B 301 16.35 -0.35 -15.00
C LEU B 301 15.11 -0.94 -15.67
N GLN B 302 14.82 -0.54 -16.90
CA GLN B 302 13.70 -1.15 -17.62
C GLN B 302 14.03 -2.57 -18.08
N GLU B 303 15.29 -2.81 -18.46
CA GLU B 303 15.69 -4.17 -18.85
C GLU B 303 15.63 -5.12 -17.68
N MET B 304 15.85 -4.61 -16.46
CA MET B 304 15.83 -5.45 -15.27
C MET B 304 14.45 -6.07 -15.04
N THR B 305 13.39 -5.31 -15.31
CA THR B 305 12.02 -5.81 -15.14
C THR B 305 11.46 -6.46 -16.40
N ALA B 306 12.19 -6.42 -17.52
CA ALA B 306 11.82 -7.08 -18.77
C ALA B 306 10.34 -6.93 -19.13
N VAL C 7 -1.08 -45.64 29.09
CA VAL C 7 -0.94 -47.06 29.40
C VAL C 7 -1.53 -47.91 28.29
N SER C 8 -2.58 -47.40 27.64
CA SER C 8 -3.09 -48.05 26.44
C SER C 8 -2.08 -47.96 25.30
N ASP C 9 -1.33 -46.86 25.21
CA ASP C 9 -0.22 -46.73 24.28
C ASP C 9 0.58 -45.49 24.62
N THR C 10 1.47 -45.13 23.70
CA THR C 10 2.15 -43.84 23.75
C THR C 10 1.14 -42.70 23.71
N ARG C 11 1.42 -41.65 24.47
CA ARG C 11 0.55 -40.47 24.45
C ARG C 11 0.57 -39.82 23.07
N PHE C 12 1.72 -39.80 22.41
CA PHE C 12 1.89 -39.13 21.14
C PHE C 12 1.89 -40.14 20.00
N HIS C 13 1.25 -39.77 18.90
CA HIS C 13 1.09 -40.67 17.76
C HIS C 13 2.45 -41.07 17.19
N SER C 14 2.61 -42.38 16.96
CA SER C 14 3.81 -42.86 16.29
C SER C 14 3.60 -42.80 14.78
N PHE C 15 4.54 -42.17 14.08
CA PHE C 15 4.54 -42.09 12.63
C PHE C 15 5.64 -42.97 12.07
N SER C 16 5.37 -43.64 10.96
CA SER C 16 6.46 -44.25 10.21
C SER C 16 7.27 -43.15 9.56
N PHE C 17 8.56 -43.42 9.36
CA PHE C 17 9.37 -42.48 8.58
C PHE C 17 8.85 -42.39 7.15
N TYR C 18 8.27 -43.47 6.64
CA TYR C 18 7.67 -43.45 5.31
C TYR C 18 6.44 -42.54 5.28
N GLU C 19 5.64 -42.56 6.35
CA GLU C 19 4.51 -41.65 6.43
C GLU C 19 4.97 -40.20 6.48
N LEU C 20 6.02 -39.91 7.25
CA LEU C 20 6.52 -38.55 7.36
C LEU C 20 7.15 -38.06 6.06
N LYS C 21 7.68 -38.97 5.24
CA LYS C 21 8.12 -38.59 3.91
C LYS C 21 6.94 -38.04 3.09
N ASN C 22 5.77 -38.65 3.26
CA ASN C 22 4.60 -38.23 2.50
C ASN C 22 3.96 -36.96 3.05
N VAL C 23 4.29 -36.56 4.27
CA VAL C 23 3.79 -35.29 4.79
C VAL C 23 4.72 -34.12 4.46
N THR C 24 6.02 -34.40 4.22
CA THR C 24 7.02 -33.36 4.02
C THR C 24 7.54 -33.31 2.58
N ASN C 25 6.80 -33.90 1.63
CA ASN C 25 7.28 -34.08 0.26
C ASN C 25 8.70 -34.64 0.25
N ASN C 26 8.88 -35.73 0.98
CA ASN C 26 10.17 -36.40 1.10
C ASN C 26 11.26 -35.45 1.60
N PHE C 27 10.93 -34.69 2.64
CA PHE C 27 11.87 -33.78 3.30
C PHE C 27 12.57 -32.88 2.28
N ASP C 28 11.74 -32.08 1.60
CA ASP C 28 12.24 -31.13 0.62
C ASP C 28 13.10 -30.10 1.33
N GLU C 29 14.42 -30.20 1.18
CA GLU C 29 15.33 -29.32 1.90
C GLU C 29 15.31 -27.90 1.37
N ARG C 30 14.57 -27.64 0.30
CA ARG C 30 14.40 -26.28 -0.20
C ARG C 30 13.56 -25.46 0.78
N PRO C 31 13.84 -24.17 0.91
CA PRO C 31 13.01 -23.32 1.76
C PRO C 31 11.60 -23.17 1.21
N ILE C 32 10.67 -22.85 2.11
CA ILE C 32 9.28 -22.63 1.72
C ILE C 32 9.16 -21.56 0.66
N SER C 33 10.03 -20.56 0.71
CA SER C 33 9.95 -19.43 -0.23
C SER C 33 10.03 -19.90 -1.66
N VAL C 34 10.85 -20.91 -1.94
CA VAL C 34 11.01 -21.42 -3.29
C VAL C 34 10.21 -22.70 -3.52
N GLY C 35 9.15 -22.91 -2.75
CA GLY C 35 8.30 -24.07 -2.93
C GLY C 35 8.76 -25.33 -2.25
N GLY C 36 9.72 -25.24 -1.34
CA GLY C 36 10.21 -26.40 -0.61
C GLY C 36 9.43 -26.63 0.67
N ASN C 37 10.02 -27.45 1.54
CA ASN C 37 9.42 -27.77 2.83
C ASN C 37 10.30 -27.40 4.01
N LYS C 38 11.50 -26.88 3.78
CA LYS C 38 12.38 -26.50 4.88
C LYS C 38 11.99 -25.15 5.46
N MET C 39 11.90 -25.07 6.78
CA MET C 39 11.55 -23.83 7.47
C MET C 39 12.70 -23.24 8.27
N GLY C 40 13.65 -24.06 8.69
CA GLY C 40 14.79 -23.57 9.42
C GLY C 40 15.54 -24.70 10.09
N GLU C 41 16.63 -24.35 10.74
CA GLU C 41 17.41 -25.25 11.57
C GLU C 41 17.45 -24.70 12.99
N GLY C 45 18.99 -30.13 14.93
CA GLY C 45 17.92 -30.60 14.06
C GLY C 45 17.51 -29.57 13.01
N VAL C 46 16.69 -30.05 12.07
CA VAL C 46 16.17 -29.25 10.96
C VAL C 46 14.66 -29.41 10.91
N VAL C 47 13.95 -28.34 10.58
CA VAL C 47 12.51 -28.25 10.71
C VAL C 47 11.86 -28.18 9.33
N TYR C 48 10.81 -28.97 9.12
CA TYR C 48 10.10 -29.03 7.84
C TYR C 48 8.61 -28.78 8.04
N LYS C 49 8.00 -28.16 7.04
CA LYS C 49 6.55 -28.01 6.98
C LYS C 49 5.91 -29.31 6.47
N GLY C 50 4.71 -29.60 6.98
CA GLY C 50 4.04 -30.84 6.63
C GLY C 50 2.53 -30.72 6.68
N TYR C 51 1.86 -31.73 6.12
CA TYR C 51 0.41 -31.79 6.04
C TYR C 51 -0.07 -33.16 6.47
N VAL C 52 -0.82 -33.23 7.57
CA VAL C 52 -1.40 -34.46 8.07
C VAL C 52 -2.90 -34.24 8.16
N ASN C 53 -3.64 -34.71 7.15
CA ASN C 53 -5.11 -34.70 7.16
C ASN C 53 -5.66 -33.29 7.40
N ASN C 54 -5.29 -32.37 6.49
CA ASN C 54 -5.75 -30.99 6.49
C ASN C 54 -5.19 -30.20 7.68
N THR C 55 -4.46 -30.86 8.56
CA THR C 55 -3.77 -30.20 9.66
C THR C 55 -2.32 -29.98 9.27
N THR C 56 -1.92 -28.73 9.18
CA THR C 56 -0.53 -28.40 8.92
C THR C 56 0.31 -28.63 10.17
N VAL C 57 1.48 -29.24 9.99
CA VAL C 57 2.35 -29.61 11.10
C VAL C 57 3.78 -29.18 10.80
N ALA C 58 4.60 -29.21 11.85
CA ALA C 58 6.03 -28.96 11.76
C ALA C 58 6.77 -30.23 12.17
N VAL C 59 7.69 -30.67 11.31
CA VAL C 59 8.43 -31.91 11.52
C VAL C 59 9.91 -31.57 11.66
N LYS C 60 10.48 -31.88 12.82
CA LYS C 60 11.89 -31.69 13.09
C LYS C 60 12.61 -33.03 13.00
N LYS C 61 13.55 -33.14 12.04
CA LYS C 61 14.35 -34.33 11.86
C LYS C 61 15.65 -34.16 12.64
N LEU C 62 15.82 -34.93 13.71
CA LEU C 62 17.00 -34.79 14.57
C LEU C 62 18.24 -35.31 13.89
N THR C 70 27.46 -37.00 19.44
CA THR C 70 28.09 -38.30 19.65
C THR C 70 27.12 -39.43 19.98
N GLU C 71 26.13 -39.68 19.12
CA GLU C 71 25.25 -40.85 19.19
C GLU C 71 24.47 -40.97 20.49
N GLU C 72 24.41 -39.92 21.31
CA GLU C 72 23.51 -39.95 22.46
C GLU C 72 22.05 -39.73 22.05
N LEU C 73 21.82 -39.34 20.79
CA LEU C 73 20.58 -38.67 20.38
C LEU C 73 19.33 -39.30 20.95
N LYS C 74 19.31 -40.64 21.07
CA LYS C 74 18.13 -41.31 21.58
C LYS C 74 17.77 -40.82 22.98
N GLN C 75 18.78 -40.48 23.79
CA GLN C 75 18.51 -40.01 25.14
C GLN C 75 17.94 -38.59 25.14
N GLN C 76 18.53 -37.68 24.35
CA GLN C 76 17.92 -36.35 24.19
C GLN C 76 16.54 -36.47 23.57
N PHE C 77 16.43 -37.29 22.52
CA PHE C 77 15.16 -37.41 21.79
C PHE C 77 14.04 -37.79 22.73
N ASP C 78 14.29 -38.77 23.61
CA ASP C 78 13.29 -39.16 24.59
C ASP C 78 13.14 -38.14 25.70
N GLN C 79 14.11 -37.24 25.90
CA GLN C 79 13.92 -36.16 26.87
C GLN C 79 13.00 -35.08 26.31
N GLU C 80 13.12 -34.76 25.02
CA GLU C 80 12.17 -33.83 24.42
C GLU C 80 10.75 -34.37 24.52
N ILE C 81 10.58 -35.67 24.25
CA ILE C 81 9.26 -36.29 24.39
C ILE C 81 8.82 -36.31 25.85
N LYS C 82 9.75 -36.60 26.77
CA LYS C 82 9.37 -36.73 28.18
C LYS C 82 8.81 -35.43 28.74
N VAL C 83 9.43 -34.30 28.39
CA VAL C 83 8.96 -33.01 28.91
C VAL C 83 7.57 -32.69 28.37
N MET C 84 7.34 -32.95 27.08
CA MET C 84 6.05 -32.61 26.47
C MET C 84 4.91 -33.39 27.09
N ALA C 85 5.18 -34.60 27.59
CA ALA C 85 4.13 -35.39 28.20
C ALA C 85 3.56 -34.70 29.43
N LYS C 86 4.44 -34.17 30.29
CA LYS C 86 4.01 -33.53 31.52
C LYS C 86 3.68 -32.06 31.36
N CYS C 87 4.10 -31.43 30.27
CA CYS C 87 4.00 -29.98 30.09
C CYS C 87 3.13 -29.67 28.88
N GLN C 88 1.85 -29.40 29.12
CA GLN C 88 0.92 -28.91 28.11
C GLN C 88 0.28 -27.65 28.63
N HIS C 89 0.24 -26.61 27.79
CA HIS C 89 -0.26 -25.31 28.21
C HIS C 89 -0.56 -24.47 26.99
N GLU C 90 -1.46 -23.49 27.16
CA GLU C 90 -1.83 -22.61 26.06
C GLU C 90 -0.63 -21.86 25.49
N ASN C 91 0.44 -21.69 26.28
CA ASN C 91 1.62 -20.96 25.85
C ASN C 91 2.85 -21.85 25.70
N LEU C 92 2.65 -23.14 25.48
CA LEU C 92 3.72 -24.07 25.14
C LEU C 92 3.37 -24.77 23.85
N VAL C 93 4.37 -24.99 22.98
CA VAL C 93 4.09 -25.69 21.73
C VAL C 93 3.67 -27.12 22.05
N GLU C 94 2.72 -27.62 21.28
CA GLU C 94 2.16 -28.95 21.50
C GLU C 94 2.81 -29.95 20.57
N LEU C 95 3.24 -31.08 21.12
CA LEU C 95 3.80 -32.18 20.35
C LEU C 95 2.66 -33.09 19.92
N LEU C 96 2.63 -33.42 18.62
CA LEU C 96 1.59 -34.28 18.07
C LEU C 96 2.03 -35.72 17.89
N GLY C 97 3.32 -35.96 17.71
CA GLY C 97 3.78 -37.31 17.45
C GLY C 97 5.28 -37.34 17.22
N PHE C 98 5.76 -38.51 16.78
CA PHE C 98 7.19 -38.76 16.67
C PHE C 98 7.44 -39.88 15.69
N SER C 99 8.68 -39.96 15.21
CA SER C 99 9.15 -41.07 14.37
C SER C 99 10.50 -41.52 14.89
N SER C 100 10.62 -42.81 15.19
CA SER C 100 11.84 -43.36 15.77
C SER C 100 12.33 -44.62 15.09
N ASP C 101 11.66 -45.03 14.01
CA ASP C 101 12.03 -46.27 13.30
C ASP C 101 13.01 -45.94 12.17
N ASP C 104 16.57 -41.59 10.68
CA ASP C 104 16.62 -40.24 11.29
C ASP C 104 15.47 -40.18 12.31
N LEU C 105 15.72 -39.69 13.51
CA LEU C 105 14.63 -39.50 14.50
C LEU C 105 13.86 -38.23 14.15
N CYS C 106 12.55 -38.22 14.35
CA CYS C 106 11.71 -37.08 13.98
C CYS C 106 10.68 -36.78 15.05
N LEU C 107 10.33 -35.51 15.18
CA LEU C 107 9.30 -35.04 16.10
C LEU C 107 8.30 -34.18 15.31
N VAL C 108 7.02 -34.32 15.63
CA VAL C 108 5.95 -33.65 14.90
C VAL C 108 5.19 -32.73 15.86
N TYR C 109 5.13 -31.45 15.52
CA TYR C 109 4.51 -30.42 16.32
C TYR C 109 3.33 -29.79 15.58
N VAL C 110 2.53 -29.04 16.33
CA VAL C 110 1.53 -28.18 15.72
C VAL C 110 2.23 -27.05 14.98
N TYR C 111 1.78 -26.79 13.75
CA TYR C 111 2.34 -25.72 12.94
C TYR C 111 2.01 -24.36 13.57
N MET C 112 2.95 -23.43 13.43
CA MET C 112 2.81 -22.08 14.00
C MET C 112 2.81 -21.07 12.86
N PRO C 113 1.65 -20.63 12.40
CA PRO C 113 1.59 -19.87 11.13
C PRO C 113 2.42 -18.61 11.10
N ASN C 114 2.76 -18.02 12.25
CA ASN C 114 3.51 -16.76 12.25
C ASN C 114 4.95 -16.93 12.73
N GLY C 115 5.47 -18.15 12.71
CA GLY C 115 6.88 -18.37 12.90
C GLY C 115 7.36 -18.03 14.30
N SER C 116 8.59 -17.55 14.37
CA SER C 116 9.24 -17.23 15.64
C SER C 116 9.13 -15.73 15.92
N LEU C 117 9.15 -15.40 17.22
CA LEU C 117 9.18 -14.00 17.64
C LEU C 117 10.39 -13.29 17.07
N LEU C 118 11.52 -13.99 16.97
CA LEU C 118 12.73 -13.39 16.41
C LEU C 118 12.50 -12.93 14.97
N ASP C 119 11.84 -13.75 14.16
CA ASP C 119 11.65 -13.40 12.76
C ASP C 119 10.58 -12.33 12.57
N ARG C 120 9.58 -12.29 13.43
CA ARG C 120 8.57 -11.24 13.31
C ARG C 120 9.09 -9.89 13.80
N LEU C 121 9.93 -9.90 14.84
CA LEU C 121 10.54 -8.65 15.29
C LEU C 121 11.43 -8.06 14.21
N SER C 122 12.15 -8.91 13.47
CA SER C 122 12.98 -8.48 12.36
C SER C 122 12.19 -8.31 11.06
N CYS C 123 10.90 -8.67 11.06
CA CYS C 123 10.07 -8.59 9.85
C CYS C 123 10.67 -9.41 8.72
N LEU C 124 11.21 -10.59 9.06
CA LEU C 124 11.77 -11.47 8.06
C LEU C 124 10.73 -11.85 7.02
N ASP C 125 11.15 -11.83 5.75
CA ASP C 125 10.31 -12.15 4.60
C ASP C 125 9.18 -11.14 4.38
N GLY C 126 9.28 -9.94 4.94
CA GLY C 126 8.34 -8.88 4.64
C GLY C 126 7.09 -8.82 5.48
N THR C 127 7.05 -9.55 6.61
CA THR C 127 5.89 -9.49 7.48
C THR C 127 5.82 -8.10 8.13
N PRO C 128 4.60 -7.57 8.36
CA PRO C 128 4.49 -6.23 8.90
C PRO C 128 5.01 -6.18 10.34
N PRO C 129 5.53 -5.03 10.76
CA PRO C 129 6.03 -4.93 12.14
C PRO C 129 4.92 -5.16 13.15
N LEU C 130 5.29 -5.75 14.29
CA LEU C 130 4.34 -6.03 15.35
C LEU C 130 4.00 -4.75 16.09
N SER C 131 2.72 -4.54 16.34
CA SER C 131 2.27 -3.41 17.12
C SER C 131 2.68 -3.58 18.59
N TRP C 132 2.70 -2.46 19.31
CA TRP C 132 2.96 -2.53 20.75
C TRP C 132 1.90 -3.37 21.46
N HIS C 133 0.64 -3.22 21.04
CA HIS C 133 -0.44 -4.00 21.63
C HIS C 133 -0.17 -5.50 21.49
N MET C 134 0.24 -5.94 20.30
N MET C 134 0.33 -5.91 20.33
CA MET C 134 0.57 -7.35 20.10
CA MET C 134 0.57 -7.36 20.09
C MET C 134 1.79 -7.76 20.91
C MET C 134 1.83 -7.80 20.84
N ARG C 135 2.80 -6.88 20.99
CA ARG C 135 4.01 -7.22 21.73
C ARG C 135 3.73 -7.41 23.21
N CYS C 136 2.83 -6.60 23.77
CA CYS C 136 2.47 -6.75 25.18
C CYS C 136 1.76 -8.07 25.43
N LYS C 137 0.91 -8.50 24.49
CA LYS C 137 0.23 -9.78 24.64
C LYS C 137 1.22 -10.94 24.52
N ILE C 138 2.16 -10.85 23.58
CA ILE C 138 3.18 -11.88 23.44
C ILE C 138 4.02 -12.00 24.70
N ALA C 139 4.42 -10.85 25.27
CA ALA C 139 5.22 -10.86 26.49
C ALA C 139 4.46 -11.51 27.64
N GLN C 140 3.16 -11.23 27.76
CA GLN C 140 2.37 -11.83 28.82
C GLN C 140 2.15 -13.32 28.57
N GLY C 141 1.92 -13.70 27.32
CA GLY C 141 1.80 -15.12 27.00
C GLY C 141 3.06 -15.90 27.30
N ALA C 142 4.21 -15.34 26.91
CA ALA C 142 5.48 -16.02 27.15
C ALA C 142 5.74 -16.20 28.64
N ALA C 143 5.45 -15.18 29.44
CA ALA C 143 5.63 -15.29 30.88
C ALA C 143 4.69 -16.34 31.47
N ASN C 144 3.46 -16.40 30.97
CA ASN C 144 2.54 -17.45 31.40
C ASN C 144 3.11 -18.83 31.11
N GLY C 145 3.75 -18.98 29.94
CA GLY C 145 4.36 -20.27 29.61
C GLY C 145 5.51 -20.63 30.53
N ILE C 146 6.39 -19.65 30.80
CA ILE C 146 7.49 -19.89 31.73
C ILE C 146 6.96 -20.18 33.13
N ASN C 147 5.89 -19.49 33.52
CA ASN C 147 5.28 -19.76 34.83
C ASN C 147 4.83 -21.21 34.92
N PHE C 148 4.24 -21.75 33.85
CA PHE C 148 3.83 -23.15 33.87
C PHE C 148 5.02 -24.07 34.08
N LEU C 149 6.14 -23.79 33.40
CA LEU C 149 7.32 -24.63 33.54
C LEU C 149 7.86 -24.59 34.97
N HIS C 150 8.03 -23.37 35.52
CA HIS C 150 8.57 -23.25 36.87
C HIS C 150 7.63 -23.84 37.91
N GLU C 151 6.32 -23.71 37.70
CA GLU C 151 5.36 -24.34 38.61
C GLU C 151 5.51 -25.85 38.63
N ASN C 152 5.78 -26.44 37.46
CA ASN C 152 5.97 -27.88 37.34
C ASN C 152 7.43 -28.28 37.54
N HIS C 153 8.22 -27.43 38.19
CA HIS C 153 9.60 -27.73 38.58
C HIS C 153 10.44 -28.11 37.35
N HIS C 154 10.31 -27.31 36.29
CA HIS C 154 11.09 -27.48 35.08
C HIS C 154 11.85 -26.19 34.80
N ILE C 155 13.06 -26.33 34.24
CA ILE C 155 13.88 -25.20 33.84
C ILE C 155 14.09 -25.30 32.33
N HIS C 156 13.75 -24.21 31.63
CA HIS C 156 13.82 -24.23 30.17
C HIS C 156 15.26 -24.26 29.66
N ARG C 157 16.09 -23.35 30.16
CA ARG C 157 17.53 -23.21 29.93
C ARG C 157 17.87 -22.57 28.59
N ASP C 158 16.91 -22.35 27.70
CA ASP C 158 17.20 -21.71 26.41
C ASP C 158 16.09 -20.72 26.04
N ILE C 159 15.69 -19.89 27.00
CA ILE C 159 14.68 -18.88 26.72
C ILE C 159 15.29 -17.82 25.81
N LYS C 160 14.68 -17.62 24.65
CA LYS C 160 15.13 -16.64 23.67
C LYS C 160 14.00 -16.47 22.65
N SER C 161 14.13 -15.42 21.84
CA SER C 161 13.04 -15.07 20.92
C SER C 161 12.88 -16.08 19.79
N ALA C 162 13.97 -16.79 19.44
CA ALA C 162 13.84 -17.87 18.46
C ALA C 162 13.05 -19.04 19.01
N ASN C 163 12.93 -19.13 20.34
CA ASN C 163 12.21 -20.22 20.99
C ASN C 163 10.85 -19.78 21.51
N ILE C 164 10.34 -18.67 20.99
CA ILE C 164 8.99 -18.19 21.29
C ILE C 164 8.27 -18.11 19.94
N LEU C 165 7.39 -19.06 19.68
CA LEU C 165 6.69 -19.13 18.40
C LEU C 165 5.29 -18.52 18.52
N LEU C 166 4.72 -18.18 17.37
CA LEU C 166 3.49 -17.41 17.31
C LEU C 166 2.48 -18.12 16.42
N ASP C 167 1.27 -18.34 16.94
CA ASP C 167 0.25 -19.13 16.27
C ASP C 167 -0.61 -18.23 15.38
N GLU C 168 -1.75 -18.77 14.93
CA GLU C 168 -2.67 -18.04 14.06
C GLU C 168 -3.20 -16.77 14.69
N ALA C 169 -3.19 -16.67 16.02
CA ALA C 169 -3.67 -15.48 16.72
C ALA C 169 -2.54 -14.69 17.34
N PHE C 170 -1.29 -14.97 16.94
CA PHE C 170 -0.09 -14.35 17.51
C PHE C 170 0.01 -14.62 19.00
N THR C 171 -0.51 -15.76 19.43
CA THR C 171 -0.33 -16.24 20.79
C THR C 171 1.07 -16.80 20.95
N ALA C 172 1.77 -16.39 22.00
CA ALA C 172 3.12 -16.87 22.24
C ALA C 172 3.08 -18.33 22.70
N LYS C 173 3.95 -19.15 22.11
CA LYS C 173 4.09 -20.56 22.48
C LYS C 173 5.58 -20.87 22.64
N ILE C 174 5.97 -21.25 23.86
N ILE C 174 5.96 -21.15 23.87
CA ILE C 174 7.36 -21.57 24.14
CA ILE C 174 7.35 -21.48 24.15
C ILE C 174 7.71 -22.91 23.49
C ILE C 174 7.70 -22.81 23.50
N SER C 175 8.85 -22.97 22.83
CA SER C 175 9.30 -24.14 22.09
C SER C 175 10.67 -24.59 22.59
N ASP C 176 11.13 -25.72 22.04
CA ASP C 176 12.49 -26.24 22.24
C ASP C 176 12.77 -26.55 23.71
N PHE C 177 12.09 -27.57 24.20
CA PHE C 177 12.32 -28.12 25.53
C PHE C 177 13.41 -29.20 25.56
N GLY C 178 14.29 -29.22 24.57
CA GLY C 178 15.29 -30.29 24.50
C GLY C 178 16.29 -30.24 25.65
N LEU C 179 16.79 -29.05 25.97
CA LEU C 179 17.71 -28.88 27.09
C LEU C 179 17.00 -28.67 28.41
N ALA C 180 15.68 -28.72 28.42
CA ALA C 180 14.92 -28.50 29.65
C ALA C 180 15.23 -29.59 30.67
N ARG C 181 15.34 -29.18 31.93
CA ARG C 181 15.67 -30.08 33.03
C ARG C 181 14.68 -29.88 34.16
N ALA C 182 14.39 -30.96 34.88
CA ALA C 182 13.40 -30.96 35.95
C ALA C 182 14.09 -30.66 37.28
N TPO C 189 21.24 -24.01 41.59
CA TPO C 189 21.03 -24.94 42.68
CB TPO C 189 19.52 -25.21 42.88
CG2 TPO C 189 19.18 -26.68 43.11
OG1 TPO C 189 19.00 -24.47 44.01
P TPO C 189 18.96 -22.86 43.74
O1P TPO C 189 20.30 -22.26 43.88
O2P TPO C 189 18.37 -22.53 42.28
O3P TPO C 189 18.00 -22.20 44.84
C TPO C 189 21.83 -26.23 42.42
O TPO C 189 22.22 -26.94 43.36
N VAL C 190 22.11 -26.49 41.15
CA VAL C 190 23.00 -27.58 40.73
C VAL C 190 23.88 -27.03 39.58
N MET C 191 24.98 -27.70 39.23
CA MET C 191 25.68 -27.39 37.98
C MET C 191 25.90 -28.59 37.06
N TPO C 192 26.50 -28.27 35.92
CA TPO C 192 26.77 -29.22 34.88
CB TPO C 192 25.58 -29.30 33.95
CG2 TPO C 192 25.08 -27.88 33.65
OG1 TPO C 192 26.00 -29.91 32.72
P TPO C 192 25.54 -31.45 32.77
O1P TPO C 192 24.55 -31.67 33.84
O2P TPO C 192 26.83 -32.39 33.03
O3P TPO C 192 24.88 -31.84 31.35
C TPO C 192 28.03 -28.83 34.12
O TPO C 192 28.39 -27.65 34.00
N SEP C 193 28.71 -29.85 33.61
CA SEP C 193 29.91 -29.67 32.81
CB SEP C 193 30.73 -30.95 32.81
OG SEP C 193 29.92 -32.04 32.41
C SEP C 193 29.55 -29.29 31.38
O SEP C 193 30.30 -28.59 30.70
P SEP C 193 30.52 -33.46 32.88
O1P SEP C 193 29.33 -34.36 33.48
O2P SEP C 193 31.65 -33.26 34.01
O3P SEP C 193 31.16 -34.20 31.60
N ARG C 194 28.40 -29.77 30.94
CA ARG C 194 27.89 -29.47 29.60
C ARG C 194 26.96 -28.26 29.66
N ILE C 195 27.55 -27.06 29.67
CA ILE C 195 26.75 -25.84 29.70
C ILE C 195 26.20 -25.58 28.31
N VAL C 196 24.90 -25.26 28.25
CA VAL C 196 24.20 -25.05 26.99
C VAL C 196 23.29 -23.84 27.12
N GLY C 197 22.97 -23.26 25.97
CA GLY C 197 22.16 -22.07 25.87
C GLY C 197 22.71 -21.16 24.78
N THR C 198 22.17 -19.94 24.72
CA THR C 198 22.64 -18.92 23.79
C THR C 198 23.26 -17.80 24.59
N THR C 199 24.53 -17.47 24.28
CA THR C 199 25.33 -16.65 25.17
C THR C 199 24.74 -15.25 25.34
N ALA C 200 24.17 -14.70 24.27
CA ALA C 200 23.59 -13.35 24.36
C ALA C 200 22.40 -13.29 25.31
N TYR C 201 21.77 -14.43 25.58
CA TYR C 201 20.61 -14.47 26.46
C TYR C 201 20.93 -15.02 27.85
N MET C 202 22.14 -15.52 28.07
CA MET C 202 22.44 -16.28 29.26
C MET C 202 22.83 -15.39 30.43
N ALA C 203 22.32 -15.72 31.61
CA ALA C 203 22.71 -15.05 32.84
C ALA C 203 24.16 -15.40 33.16
N PRO C 204 24.83 -14.56 33.96
CA PRO C 204 26.23 -14.89 34.31
C PRO C 204 26.36 -16.23 35.02
N GLU C 205 25.47 -16.51 35.97
CA GLU C 205 25.55 -17.77 36.71
C GLU C 205 25.33 -18.97 35.80
N ALA C 206 24.52 -18.80 34.75
CA ALA C 206 24.35 -19.86 33.76
C ALA C 206 25.65 -20.11 33.00
N LEU C 207 26.36 -19.04 32.64
CA LEU C 207 27.64 -19.19 31.96
C LEU C 207 28.69 -19.83 32.85
N ARG C 208 28.50 -19.79 34.17
CA ARG C 208 29.39 -20.45 35.12
C ARG C 208 28.95 -21.87 35.46
N GLY C 209 27.89 -22.36 34.82
CA GLY C 209 27.47 -23.74 34.97
C GLY C 209 26.30 -23.96 35.90
N GLU C 210 25.85 -22.95 36.63
CA GLU C 210 24.74 -23.13 37.55
C GLU C 210 23.44 -23.37 36.80
N ILE C 211 22.59 -24.23 37.36
CA ILE C 211 21.31 -24.61 36.77
C ILE C 211 20.23 -24.11 37.71
N THR C 212 19.44 -23.14 37.26
CA THR C 212 18.44 -22.56 38.15
C THR C 212 17.36 -21.88 37.34
N PRO C 213 16.10 -21.90 37.79
CA PRO C 213 15.06 -21.14 37.08
C PRO C 213 15.31 -19.65 37.06
N LYS C 214 16.14 -19.14 37.98
CA LYS C 214 16.48 -17.72 37.99
C LYS C 214 17.22 -17.30 36.73
N SER C 215 17.89 -18.24 36.06
CA SER C 215 18.50 -17.92 34.77
C SER C 215 17.43 -17.72 33.69
N ASP C 216 16.32 -18.45 33.78
CA ASP C 216 15.23 -18.27 32.81
C ASP C 216 14.69 -16.85 32.87
N ILE C 217 14.58 -16.29 34.07
CA ILE C 217 14.11 -14.91 34.22
C ILE C 217 15.07 -13.95 33.53
N TYR C 218 16.38 -14.14 33.73
CA TYR C 218 17.36 -13.27 33.10
C TYR C 218 17.23 -13.31 31.59
N SER C 219 17.13 -14.51 31.01
CA SER C 219 16.96 -14.62 29.57
C SER C 219 15.69 -13.91 29.11
N PHE C 220 14.58 -14.10 29.84
CA PHE C 220 13.36 -13.37 29.53
C PHE C 220 13.58 -11.87 29.56
N GLY C 221 14.49 -11.40 30.42
CA GLY C 221 14.84 -9.99 30.41
C GLY C 221 15.38 -9.54 29.07
N VAL C 222 16.22 -10.36 28.44
CA VAL C 222 16.74 -10.01 27.12
C VAL C 222 15.60 -9.97 26.10
N VAL C 223 14.70 -10.96 26.17
CA VAL C 223 13.58 -11.01 25.23
C VAL C 223 12.74 -9.74 25.33
N LEU C 224 12.46 -9.30 26.57
CA LEU C 224 11.71 -8.06 26.75
C LEU C 224 12.42 -6.89 26.09
N LEU C 225 13.74 -6.83 26.22
CA LEU C 225 14.51 -5.80 25.53
C LEU C 225 14.39 -5.93 24.02
N GLU C 226 14.40 -7.16 23.49
CA GLU C 226 14.18 -7.36 22.08
C GLU C 226 12.82 -6.83 21.65
N ILE C 227 11.80 -7.11 22.45
CA ILE C 227 10.45 -6.68 22.13
C ILE C 227 10.36 -5.16 22.11
N ILE C 228 10.97 -4.52 23.10
CA ILE C 228 10.93 -3.06 23.20
C ILE C 228 11.67 -2.42 22.02
N THR C 229 12.83 -2.97 21.66
CA THR C 229 13.72 -2.31 20.72
C THR C 229 13.61 -2.83 19.30
N GLY C 230 13.11 -4.05 19.10
CA GLY C 230 13.21 -4.66 17.79
C GLY C 230 14.61 -5.03 17.35
N LEU C 231 15.56 -5.04 18.28
CA LEU C 231 16.94 -5.35 17.97
C LEU C 231 17.28 -6.78 18.40
N PRO C 232 18.07 -7.50 17.61
CA PRO C 232 18.48 -8.84 18.02
C PRO C 232 19.38 -8.78 19.24
N ALA C 233 19.41 -9.89 19.98
CA ALA C 233 20.21 -9.94 21.20
C ALA C 233 21.67 -9.61 20.93
N VAL C 234 22.18 -10.01 19.77
CA VAL C 234 23.55 -9.72 19.37
C VAL C 234 23.58 -9.45 17.87
N ASP C 235 24.40 -8.47 17.48
CA ASP C 235 24.69 -8.20 16.08
C ASP C 235 26.15 -7.75 16.00
N GLU C 236 26.99 -8.53 15.32
CA GLU C 236 28.39 -8.17 15.20
C GLU C 236 28.56 -6.81 14.53
N HIS C 237 27.64 -6.45 13.63
CA HIS C 237 27.68 -5.18 12.93
C HIS C 237 26.93 -4.09 13.68
N ARG C 238 26.90 -4.13 15.01
CA ARG C 238 26.17 -3.16 15.82
C ARG C 238 27.02 -2.71 17.00
N GLU C 239 26.75 -1.49 17.46
CA GLU C 239 27.41 -0.93 18.65
C GLU C 239 26.34 -0.44 19.60
N PRO C 240 26.28 -0.95 20.83
CA PRO C 240 26.93 -2.12 21.39
C PRO C 240 26.52 -3.41 20.67
N GLN C 241 27.40 -4.41 20.72
CA GLN C 241 27.10 -5.68 20.07
C GLN C 241 26.04 -6.46 20.83
N LEU C 242 25.92 -6.26 22.14
CA LEU C 242 25.02 -7.03 22.99
C LEU C 242 23.89 -6.12 23.48
N LEU C 243 22.65 -6.59 23.33
CA LEU C 243 21.49 -5.76 23.66
C LEU C 243 21.42 -5.45 25.16
N LEU C 244 21.82 -6.41 26.01
CA LEU C 244 21.76 -6.18 27.44
C LEU C 244 22.67 -5.06 27.89
N ASP C 245 23.61 -4.62 27.04
CA ASP C 245 24.46 -3.50 27.38
C ASP C 245 23.71 -2.18 27.41
N ILE C 246 22.58 -2.06 26.71
CA ILE C 246 21.85 -0.80 26.72
C ILE C 246 21.35 -0.50 28.13
N LYS C 247 21.04 -1.53 28.91
CA LYS C 247 20.68 -1.33 30.32
C LYS C 247 21.72 -0.51 31.05
N GLU C 248 23.00 -0.74 30.75
CA GLU C 248 24.07 0.04 31.37
C GLU C 248 24.09 1.47 30.86
N GLU C 249 23.81 1.66 29.56
CA GLU C 249 23.75 3.00 29.01
C GLU C 249 22.62 3.81 29.65
N ILE C 250 21.44 3.20 29.79
CA ILE C 250 20.32 3.88 30.44
C ILE C 250 20.66 4.17 31.89
N GLU C 251 21.24 3.19 32.60
CA GLU C 251 21.56 3.37 34.01
C GLU C 251 22.63 4.45 34.20
N ASP C 252 23.62 4.49 33.32
CA ASP C 252 24.66 5.52 33.38
C ASP C 252 24.20 6.83 32.78
N GLU C 253 22.89 6.97 32.53
CA GLU C 253 22.29 8.18 31.96
C GLU C 253 22.92 8.57 30.63
N GLU C 254 23.55 7.61 29.94
CA GLU C 254 24.15 7.89 28.65
C GLU C 254 23.08 8.03 27.56
N LYS C 255 22.02 7.22 27.64
CA LYS C 255 20.94 7.26 26.68
C LYS C 255 19.62 7.07 27.41
N THR C 256 18.52 7.21 26.66
CA THR C 256 17.18 7.04 27.17
C THR C 256 16.57 5.76 26.62
N ILE C 257 15.52 5.29 27.29
CA ILE C 257 14.77 4.17 26.74
C ILE C 257 14.11 4.57 25.43
N GLU C 258 13.68 5.83 25.33
CA GLU C 258 13.10 6.33 24.09
C GLU C 258 14.11 6.35 22.94
N ASP C 259 15.41 6.36 23.26
CA ASP C 259 16.43 6.27 22.22
C ASP C 259 16.39 4.92 21.51
N TYR C 260 15.95 3.88 22.22
CA TYR C 260 16.00 2.52 21.70
C TYR C 260 14.64 1.90 21.46
N ILE C 261 13.55 2.64 21.70
CA ILE C 261 12.23 2.12 21.36
C ILE C 261 12.17 1.84 19.86
N ASP C 262 11.61 0.69 19.51
CA ASP C 262 11.46 0.32 18.11
C ASP C 262 10.64 1.37 17.38
N LYS C 263 11.26 2.01 16.38
CA LYS C 263 10.60 3.07 15.64
C LYS C 263 9.58 2.55 14.65
N LYS C 264 9.44 1.24 14.52
CA LYS C 264 8.51 0.60 13.59
C LYS C 264 7.18 0.26 14.25
N MET C 265 6.72 1.12 15.16
CA MET C 265 5.42 1.00 15.79
C MET C 265 4.73 2.37 15.73
N ASN C 266 3.39 2.36 15.78
CA ASN C 266 2.63 3.61 15.84
C ASN C 266 1.78 3.70 17.09
N ASP C 267 1.88 2.74 18.00
CA ASP C 267 0.96 2.70 19.13
C ASP C 267 1.67 2.45 20.47
N ALA C 268 2.97 2.71 20.55
CA ALA C 268 3.72 2.53 21.79
C ALA C 268 3.62 3.82 22.60
N ASP C 269 2.97 3.74 23.75
CA ASP C 269 2.90 4.88 24.66
C ASP C 269 4.03 4.79 25.69
N SER C 270 4.63 5.95 25.99
CA SER C 270 5.83 5.97 26.81
C SER C 270 5.60 5.36 28.19
N THR C 271 4.42 5.58 28.78
CA THR C 271 4.18 5.06 30.11
C THR C 271 4.19 3.53 30.13
N SER C 272 3.60 2.89 29.12
N SER C 272 3.61 2.91 29.10
CA SER C 272 3.63 1.43 29.07
CA SER C 272 3.62 1.43 29.02
C SER C 272 5.02 0.93 28.71
C SER C 272 5.04 0.96 28.73
N VAL C 273 5.70 1.61 27.77
CA VAL C 273 7.04 1.17 27.37
C VAL C 273 8.01 1.27 28.54
N GLU C 274 7.97 2.40 29.27
CA GLU C 274 8.82 2.53 30.44
C GLU C 274 8.53 1.43 31.45
N ALA C 275 7.25 1.06 31.59
CA ALA C 275 6.88 0.01 32.53
C ALA C 275 7.46 -1.34 32.13
N MET C 276 7.40 -1.69 30.85
CA MET C 276 7.98 -2.95 30.42
C MET C 276 9.50 -2.94 30.58
N TYR C 277 10.14 -1.79 30.35
CA TYR C 277 11.59 -1.73 30.55
C TYR C 277 11.95 -1.99 32.00
N SER C 278 11.16 -1.47 32.93
CA SER C 278 11.43 -1.70 34.35
C SER C 278 11.34 -3.19 34.69
N VAL C 279 10.37 -3.90 34.12
CA VAL C 279 10.29 -5.34 34.31
C VAL C 279 11.54 -6.01 33.76
N ALA C 280 11.93 -5.63 32.53
CA ALA C 280 13.12 -6.21 31.92
C ALA C 280 14.36 -5.91 32.74
N SER C 281 14.49 -4.67 33.21
CA SER C 281 15.66 -4.30 34.00
C SER C 281 15.73 -5.08 35.30
N GLN C 282 14.58 -5.29 35.96
CA GLN C 282 14.56 -6.13 37.16
C GLN C 282 14.97 -7.55 36.84
N CYS C 283 14.46 -8.09 35.73
CA CYS C 283 14.83 -9.44 35.31
C CYS C 283 16.34 -9.55 35.08
N LEU C 284 16.97 -8.49 34.60
CA LEU C 284 18.37 -8.51 34.18
C LEU C 284 19.33 -8.15 35.32
N HIS C 285 18.91 -8.26 36.58
CA HIS C 285 19.81 -8.05 37.69
C HIS C 285 20.95 -9.06 37.63
N GLU C 286 22.17 -8.59 37.86
CA GLU C 286 23.31 -9.49 37.78
C GLU C 286 23.30 -10.52 38.91
N LYS C 287 22.72 -10.20 40.08
CA LYS C 287 22.61 -11.20 41.15
C LYS C 287 21.31 -11.96 40.99
N LYS C 288 21.43 -13.28 40.93
CA LYS C 288 20.29 -14.13 40.60
C LYS C 288 19.20 -14.03 41.67
N ASN C 289 19.58 -13.87 42.94
CA ASN C 289 18.59 -13.80 44.00
C ASN C 289 17.94 -12.43 44.15
N LYS C 290 18.40 -11.42 43.42
CA LYS C 290 17.73 -10.13 43.42
C LYS C 290 16.69 -10.00 42.30
N ARG C 291 16.64 -10.98 41.38
CA ARG C 291 15.67 -11.01 40.31
C ARG C 291 14.28 -11.39 40.83
N PRO C 292 13.23 -10.87 40.24
CA PRO C 292 11.88 -11.35 40.58
C PRO C 292 11.67 -12.76 40.07
N ASP C 293 10.85 -13.52 40.80
CA ASP C 293 10.45 -14.82 40.29
C ASP C 293 9.43 -14.63 39.17
N ILE C 294 9.06 -15.73 38.52
CA ILE C 294 8.22 -15.62 37.33
C ILE C 294 6.82 -15.13 37.69
N LYS C 295 6.31 -15.49 38.87
CA LYS C 295 5.00 -14.99 39.27
C LYS C 295 5.00 -13.47 39.42
N LYS C 296 6.06 -12.92 39.99
CA LYS C 296 6.18 -11.46 40.07
C LYS C 296 6.25 -10.84 38.68
N VAL C 297 7.00 -11.46 37.77
CA VAL C 297 7.12 -10.95 36.41
C VAL C 297 5.75 -10.92 35.74
N GLN C 298 4.95 -11.96 35.95
CA GLN C 298 3.59 -11.98 35.42
C GLN C 298 2.76 -10.81 35.94
N GLN C 299 2.84 -10.55 37.24
CA GLN C 299 2.04 -9.48 37.84
C GLN C 299 2.46 -8.12 37.31
N LEU C 300 3.77 -7.88 37.20
CA LEU C 300 4.25 -6.61 36.67
C LEU C 300 3.81 -6.41 35.22
N LEU C 301 3.88 -7.47 34.42
CA LEU C 301 3.43 -7.39 33.03
C LEU C 301 1.94 -7.09 32.94
N GLN C 302 1.15 -7.62 33.88
CA GLN C 302 -0.28 -7.27 33.90
C GLN C 302 -0.49 -5.82 34.29
N GLU C 303 0.28 -5.33 35.28
CA GLU C 303 0.17 -3.92 35.65
C GLU C 303 0.68 -3.01 34.55
N MET C 304 1.65 -3.48 33.75
CA MET C 304 2.17 -2.67 32.65
C MET C 304 1.09 -2.38 31.62
N THR C 305 0.10 -3.25 31.49
CA THR C 305 -1.00 -3.05 30.54
C THR C 305 -1.84 -1.85 30.96
N ARG D 11 8.67 20.83 -42.52
CA ARG D 11 9.16 21.09 -41.17
C ARG D 11 9.18 19.83 -40.31
N PHE D 12 8.24 18.92 -40.54
CA PHE D 12 8.22 17.62 -39.88
C PHE D 12 9.09 16.64 -40.67
N HIS D 13 9.56 15.61 -39.97
CA HIS D 13 10.46 14.65 -40.59
C HIS D 13 9.70 13.68 -41.50
N SER D 14 10.20 13.50 -42.72
CA SER D 14 9.60 12.56 -43.65
C SER D 14 10.17 11.16 -43.44
N PHE D 15 9.28 10.20 -43.25
CA PHE D 15 9.64 8.80 -43.09
C PHE D 15 9.25 8.01 -44.34
N SER D 16 10.06 7.01 -44.67
CA SER D 16 9.60 5.95 -45.54
C SER D 16 8.74 4.99 -44.74
N PHE D 17 7.70 4.46 -45.39
CA PHE D 17 6.78 3.56 -44.69
C PHE D 17 7.50 2.40 -44.04
N TYR D 18 8.57 1.91 -44.67
CA TYR D 18 9.29 0.76 -44.13
C TYR D 18 9.95 1.08 -42.79
N GLU D 19 10.40 2.31 -42.60
CA GLU D 19 10.94 2.70 -41.30
C GLU D 19 9.90 2.54 -40.21
N LEU D 20 8.70 3.06 -40.45
CA LEU D 20 7.64 2.99 -39.44
C LEU D 20 7.16 1.57 -39.22
N LYS D 21 7.14 0.75 -40.27
CA LYS D 21 6.85 -0.68 -40.10
C LYS D 21 7.85 -1.32 -39.15
N ASN D 22 9.14 -1.03 -39.36
CA ASN D 22 10.19 -1.66 -38.55
C ASN D 22 10.08 -1.25 -37.09
N VAL D 23 9.80 0.02 -36.82
CA VAL D 23 9.85 0.52 -35.44
C VAL D 23 8.57 0.24 -34.67
N THR D 24 7.50 -0.20 -35.34
CA THR D 24 6.28 -0.61 -34.67
C THR D 24 6.11 -2.12 -34.62
N ASN D 25 7.20 -2.86 -34.74
CA ASN D 25 7.18 -4.33 -34.79
C ASN D 25 6.19 -4.82 -35.83
N ASN D 26 6.43 -4.40 -37.08
CA ASN D 26 5.60 -4.78 -38.23
C ASN D 26 4.14 -4.40 -38.01
N PHE D 27 3.92 -3.23 -37.41
CA PHE D 27 2.58 -2.74 -37.07
C PHE D 27 1.80 -3.81 -36.31
N ASP D 28 2.39 -4.27 -35.22
CA ASP D 28 1.81 -5.30 -34.37
C ASP D 28 0.48 -4.82 -33.78
N GLU D 29 -0.62 -5.41 -34.22
CA GLU D 29 -1.95 -4.95 -33.83
C GLU D 29 -2.39 -5.49 -32.48
N ARG D 30 -1.58 -6.29 -31.82
CA ARG D 30 -1.91 -6.71 -30.46
C ARG D 30 -1.73 -5.54 -29.50
N PRO D 31 -2.59 -5.43 -28.47
CA PRO D 31 -2.44 -4.34 -27.52
C PRO D 31 -1.12 -4.40 -26.77
N ILE D 32 -0.70 -3.24 -26.24
CA ILE D 32 0.53 -3.17 -25.47
C ILE D 32 0.44 -4.04 -24.23
N SER D 33 -0.76 -4.21 -23.68
CA SER D 33 -0.93 -5.07 -22.51
C SER D 33 -0.43 -6.48 -22.79
N VAL D 34 -0.62 -6.97 -24.01
CA VAL D 34 -0.20 -8.31 -24.38
C VAL D 34 1.13 -8.30 -25.13
N GLY D 35 1.92 -7.23 -24.96
CA GLY D 35 3.21 -7.15 -25.63
C GLY D 35 3.15 -6.87 -27.11
N GLY D 36 2.15 -6.09 -27.55
CA GLY D 36 2.05 -5.66 -28.91
C GLY D 36 2.31 -4.16 -29.03
N ASN D 37 1.83 -3.59 -30.13
CA ASN D 37 2.07 -2.18 -30.41
C ASN D 37 0.82 -1.36 -30.65
N LYS D 38 -0.37 -1.97 -30.65
CA LYS D 38 -1.59 -1.21 -30.89
C LYS D 38 -2.06 -0.54 -29.60
N MET D 39 -2.11 0.79 -29.61
CA MET D 39 -2.61 1.56 -28.47
C MET D 39 -4.08 1.91 -28.59
N GLY D 40 -4.59 2.08 -29.80
CA GLY D 40 -5.98 2.40 -29.99
C GLY D 40 -6.33 2.37 -31.45
N GLU D 41 -7.64 2.33 -31.72
CA GLU D 41 -8.17 2.31 -33.09
C GLU D 41 -9.25 3.37 -33.19
N GLY D 42 -8.82 4.61 -33.47
CA GLY D 42 -9.77 5.60 -33.91
C GLY D 42 -10.44 5.19 -35.20
N GLY D 43 -11.64 5.72 -35.42
CA GLY D 43 -12.37 5.38 -36.63
C GLY D 43 -11.54 5.61 -37.88
N PHE D 44 -10.76 6.69 -37.89
CA PHE D 44 -9.97 7.06 -39.05
C PHE D 44 -8.66 6.27 -39.17
N GLY D 45 -8.17 5.68 -38.08
CA GLY D 45 -6.96 4.89 -38.18
C GLY D 45 -6.54 4.31 -36.85
N VAL D 46 -5.66 3.31 -36.93
CA VAL D 46 -5.12 2.62 -35.76
C VAL D 46 -3.84 3.32 -35.33
N VAL D 47 -3.71 3.58 -34.03
CA VAL D 47 -2.53 4.24 -33.46
C VAL D 47 -1.63 3.18 -32.85
N TYR D 48 -0.33 3.29 -33.11
CA TYR D 48 0.65 2.30 -32.67
C TYR D 48 1.76 2.96 -31.85
N LYS D 49 2.36 2.17 -30.96
CA LYS D 49 3.54 2.60 -30.22
C LYS D 49 4.79 2.29 -31.03
N GLY D 50 5.62 3.30 -31.26
CA GLY D 50 6.86 3.12 -31.98
C GLY D 50 8.07 3.52 -31.15
N TYR D 51 9.23 2.96 -31.49
CA TYR D 51 10.48 3.26 -30.78
C TYR D 51 11.51 3.68 -31.82
N VAL D 52 11.72 4.99 -31.94
CA VAL D 52 12.62 5.57 -32.93
C VAL D 52 13.75 6.27 -32.18
N ASN D 53 14.99 5.83 -32.44
CA ASN D 53 16.18 6.48 -31.88
C ASN D 53 16.08 6.59 -30.36
N ASN D 54 15.83 5.44 -29.72
CA ASN D 54 15.57 5.35 -28.28
C ASN D 54 14.53 6.36 -27.81
N THR D 55 13.58 6.71 -28.68
CA THR D 55 12.53 7.64 -28.33
C THR D 55 11.18 7.01 -28.66
N THR D 56 10.31 6.94 -27.66
CA THR D 56 8.96 6.45 -27.88
C THR D 56 8.13 7.47 -28.62
N VAL D 57 7.39 7.01 -29.63
CA VAL D 57 6.54 7.86 -30.46
C VAL D 57 5.22 7.15 -30.69
N ALA D 58 4.26 7.89 -31.20
CA ALA D 58 2.96 7.36 -31.58
C ALA D 58 2.79 7.48 -33.09
N VAL D 59 2.49 6.35 -33.74
CA VAL D 59 2.31 6.29 -35.18
C VAL D 59 0.85 5.96 -35.46
N LYS D 60 0.18 6.81 -36.23
CA LYS D 60 -1.18 6.59 -36.66
C LYS D 60 -1.18 6.19 -38.13
N LYS D 61 -1.80 5.04 -38.43
CA LYS D 61 -1.89 4.54 -39.80
C LYS D 61 -3.33 4.74 -40.29
N LEU D 62 -3.49 5.59 -41.30
CA LEU D 62 -4.81 5.93 -41.81
C LEU D 62 -5.45 4.72 -42.46
N ALA D 63 -6.64 4.33 -41.99
CA ALA D 63 -7.35 3.17 -42.48
C ALA D 63 -8.74 3.57 -42.93
N GLU D 71 -10.45 6.17 -51.24
CA GLU D 71 -9.92 7.27 -52.02
C GLU D 71 -10.01 8.57 -51.22
N GLU D 72 -9.55 9.67 -51.82
CA GLU D 72 -9.54 11.03 -51.28
C GLU D 72 -8.87 11.11 -49.91
N LEU D 73 -8.20 10.04 -49.48
CA LEU D 73 -7.51 10.04 -48.18
C LEU D 73 -6.35 11.02 -48.15
N LYS D 74 -5.66 11.19 -49.29
CA LYS D 74 -4.50 12.07 -49.34
C LYS D 74 -4.86 13.50 -48.99
N GLN D 75 -6.10 13.92 -49.30
CA GLN D 75 -6.55 15.26 -48.92
C GLN D 75 -6.68 15.38 -47.41
N GLN D 76 -7.28 14.38 -46.76
CA GLN D 76 -7.40 14.40 -45.30
C GLN D 76 -6.03 14.32 -44.64
N ASP D 78 -3.27 15.34 -45.97
CA ASP D 78 -2.72 16.67 -46.19
C ASP D 78 -3.33 17.67 -45.21
N GLN D 79 -4.66 17.62 -45.04
CA GLN D 79 -5.32 18.59 -44.16
C GLN D 79 -4.75 18.54 -42.75
N GLU D 80 -4.36 17.36 -42.26
CA GLU D 80 -3.75 17.29 -40.94
C GLU D 80 -2.38 17.97 -40.94
N ILE D 81 -1.57 17.74 -41.98
CA ILE D 81 -0.25 18.35 -42.04
C ILE D 81 -0.36 19.87 -42.03
N LYS D 82 -1.31 20.42 -42.78
CA LYS D 82 -1.44 21.86 -42.90
C LYS D 82 -1.80 22.50 -41.56
N VAL D 83 -2.82 21.96 -40.89
CA VAL D 83 -3.22 22.51 -39.60
C VAL D 83 -2.13 22.34 -38.56
N MET D 84 -1.39 21.22 -38.62
CA MET D 84 -0.36 20.97 -37.61
C MET D 84 0.81 21.95 -37.75
N ALA D 85 1.12 22.36 -38.97
CA ALA D 85 2.27 23.26 -39.17
C ALA D 85 2.04 24.61 -38.49
N LYS D 86 0.84 25.16 -38.65
CA LYS D 86 0.53 26.47 -38.07
C LYS D 86 0.06 26.38 -36.63
N CYS D 87 -0.45 25.23 -36.19
CA CYS D 87 -1.07 25.09 -34.88
C CYS D 87 -0.11 24.35 -33.95
N GLN D 88 0.69 25.11 -33.21
CA GLN D 88 1.43 24.57 -32.07
C GLN D 88 1.11 25.36 -30.83
N HIS D 89 0.97 24.63 -29.75
CA HIS D 89 0.66 25.24 -28.48
C HIS D 89 1.02 24.23 -27.40
N GLU D 90 1.23 24.75 -26.19
CA GLU D 90 1.54 23.89 -25.06
C GLU D 90 0.48 22.82 -24.88
N ASN D 91 -0.76 23.11 -25.29
CA ASN D 91 -1.89 22.23 -25.06
C ASN D 91 -2.44 21.62 -26.35
N LEU D 92 -1.59 21.49 -27.36
CA LEU D 92 -1.91 20.77 -28.58
C LEU D 92 -0.87 19.67 -28.79
N VAL D 93 -1.32 18.50 -29.23
CA VAL D 93 -0.36 17.44 -29.53
C VAL D 93 0.57 17.92 -30.64
N GLU D 94 1.81 17.45 -30.58
CA GLU D 94 2.84 17.86 -31.53
C GLU D 94 3.07 16.74 -32.54
N LEU D 95 3.08 17.10 -33.82
CA LEU D 95 3.39 16.16 -34.88
C LEU D 95 4.88 16.17 -35.12
N LEU D 96 5.48 14.98 -35.16
CA LEU D 96 6.91 14.85 -35.40
C LEU D 96 7.25 14.49 -36.84
N GLY D 97 6.34 13.84 -37.55
CA GLY D 97 6.66 13.42 -38.90
C GLY D 97 5.52 12.65 -39.53
N PHE D 98 5.80 12.11 -40.72
CA PHE D 98 4.78 11.52 -41.57
C PHE D 98 5.44 10.57 -42.56
N SER D 99 4.61 9.73 -43.17
CA SER D 99 5.03 8.88 -44.27
C SER D 99 3.96 8.94 -45.36
N SER D 100 4.39 9.33 -46.57
CA SER D 100 3.41 9.51 -47.68
C SER D 100 3.69 8.50 -48.79
N ASP D 101 4.76 7.74 -48.69
CA ASP D 101 5.00 6.67 -49.68
C ASP D 101 4.05 5.51 -49.34
N GLY D 102 3.86 4.59 -50.28
CA GLY D 102 2.89 3.50 -50.06
C GLY D 102 1.47 3.98 -50.24
N ASP D 103 0.49 3.09 -50.17
CA ASP D 103 -0.93 3.53 -50.23
C ASP D 103 -1.36 3.77 -48.79
N ASP D 104 -0.51 3.40 -47.84
CA ASP D 104 -0.83 3.57 -46.39
C ASP D 104 -0.18 4.87 -45.90
N LEU D 105 -1.00 5.84 -45.51
CA LEU D 105 -0.47 7.13 -45.00
C LEU D 105 -0.24 7.01 -43.50
N CYS D 106 0.87 7.57 -43.01
CA CYS D 106 1.23 7.46 -41.60
C CYS D 106 1.62 8.83 -41.06
N LEU D 107 1.22 9.11 -39.83
CA LEU D 107 1.56 10.35 -39.14
C LEU D 107 2.20 10.01 -37.80
N VAL D 108 3.31 10.67 -37.48
CA VAL D 108 4.10 10.37 -36.29
C VAL D 108 3.97 11.53 -35.31
N TYR D 109 3.56 11.21 -34.08
CA TYR D 109 3.30 12.20 -33.04
C TYR D 109 4.18 11.92 -31.83
N VAL D 110 4.31 12.94 -30.98
CA VAL D 110 4.99 12.75 -29.70
C VAL D 110 4.18 11.79 -28.83
N TYR D 111 4.88 10.83 -28.22
CA TYR D 111 4.25 9.85 -27.35
C TYR D 111 3.74 10.52 -26.07
N MET D 112 2.50 10.20 -25.70
CA MET D 112 1.86 10.81 -24.54
C MET D 112 1.82 9.80 -23.41
N PRO D 113 2.77 9.84 -22.48
CA PRO D 113 2.96 8.71 -21.55
C PRO D 113 1.74 8.34 -20.73
N ASN D 114 0.84 9.28 -20.46
CA ASN D 114 -0.30 9.01 -19.59
C ASN D 114 -1.59 8.85 -20.37
N GLY D 115 -1.52 8.64 -21.68
CA GLY D 115 -2.67 8.26 -22.46
C GLY D 115 -3.74 9.33 -22.52
N SER D 116 -4.98 8.88 -22.58
CA SER D 116 -6.12 9.76 -22.79
C SER D 116 -6.78 10.11 -21.46
N LEU D 117 -7.38 11.31 -21.43
CA LEU D 117 -8.16 11.72 -20.27
C LEU D 117 -9.27 10.74 -19.97
N LEU D 118 -9.91 10.23 -21.02
CA LEU D 118 -10.96 9.23 -20.84
C LEU D 118 -10.46 8.02 -20.06
N ASP D 119 -9.28 7.51 -20.43
CA ASP D 119 -8.74 6.33 -19.75
C ASP D 119 -8.27 6.64 -18.34
N ARG D 120 -7.73 7.84 -18.11
CA ARG D 120 -7.28 8.18 -16.76
C ARG D 120 -8.46 8.43 -15.84
N LEU D 121 -9.55 9.02 -16.35
CA LEU D 121 -10.75 9.16 -15.55
C LEU D 121 -11.37 7.82 -15.21
N SER D 122 -11.27 6.83 -16.10
CA SER D 122 -11.77 5.49 -15.83
C SER D 122 -10.77 4.64 -15.06
N CYS D 123 -9.55 5.15 -14.83
CA CYS D 123 -8.48 4.40 -14.17
C CYS D 123 -8.18 3.11 -14.92
N LEU D 124 -8.26 3.15 -16.24
CA LEU D 124 -8.02 1.97 -17.05
C LEU D 124 -6.61 1.45 -16.81
N ASP D 125 -6.50 0.11 -16.77
CA ASP D 125 -5.24 -0.60 -16.53
C ASP D 125 -4.67 -0.37 -15.13
N GLY D 126 -5.49 0.12 -14.20
CA GLY D 126 -5.07 0.26 -12.82
C GLY D 126 -4.37 1.55 -12.46
N THR D 127 -4.37 2.54 -13.34
CA THR D 127 -3.73 3.81 -13.04
C THR D 127 -4.46 4.51 -11.89
N PRO D 128 -3.74 5.26 -11.05
CA PRO D 128 -4.38 5.86 -9.88
C PRO D 128 -5.35 6.96 -10.28
N PRO D 129 -6.40 7.20 -9.49
CA PRO D 129 -7.38 8.22 -9.83
C PRO D 129 -6.79 9.62 -9.82
N LEU D 130 -7.25 10.46 -10.74
CA LEU D 130 -6.77 11.83 -10.83
C LEU D 130 -7.29 12.65 -9.66
N SER D 131 -6.39 13.39 -9.02
CA SER D 131 -6.81 14.29 -7.95
C SER D 131 -7.57 15.48 -8.52
N TRP D 132 -8.38 16.11 -7.66
CA TRP D 132 -9.09 17.31 -8.10
C TRP D 132 -8.12 18.40 -8.53
N HIS D 133 -6.98 18.49 -7.84
CA HIS D 133 -5.97 19.48 -8.21
C HIS D 133 -5.47 19.26 -9.63
N MET D 134 -5.13 18.01 -9.97
CA MET D 134 -4.72 17.72 -11.35
C MET D 134 -5.88 17.94 -12.32
N ARG D 135 -7.11 17.61 -11.90
CA ARG D 135 -8.26 17.78 -12.79
C ARG D 135 -8.46 19.23 -13.17
N CYS D 136 -8.30 20.16 -12.21
CA CYS D 136 -8.45 21.57 -12.50
C CYS D 136 -7.40 22.05 -13.51
N LYS D 137 -6.16 21.60 -13.36
CA LYS D 137 -5.12 21.98 -14.30
C LYS D 137 -5.38 21.41 -15.69
N ILE D 138 -5.92 20.18 -15.75
CA ILE D 138 -6.23 19.57 -17.04
C ILE D 138 -7.34 20.33 -17.74
N ALA D 139 -8.39 20.72 -17.00
CA ALA D 139 -9.47 21.50 -17.60
C ALA D 139 -8.97 22.84 -18.11
N GLN D 140 -8.08 23.49 -17.36
CA GLN D 140 -7.52 24.76 -17.80
C GLN D 140 -6.69 24.61 -19.06
N GLY D 141 -5.77 23.64 -19.06
CA GLY D 141 -4.95 23.41 -20.24
C GLY D 141 -5.77 23.08 -21.47
N ALA D 142 -6.78 22.23 -21.32
CA ALA D 142 -7.65 21.90 -22.44
C ALA D 142 -8.34 23.14 -22.97
N ALA D 143 -8.84 23.98 -22.07
CA ALA D 143 -9.48 25.23 -22.49
C ALA D 143 -8.49 26.14 -23.21
N ASN D 144 -7.24 26.18 -22.75
CA ASN D 144 -6.20 26.92 -23.46
C ASN D 144 -5.99 26.37 -24.87
N GLY D 145 -5.99 25.05 -25.02
CA GLY D 145 -5.82 24.46 -26.33
C GLY D 145 -6.95 24.79 -27.29
N ILE D 146 -8.19 24.74 -26.80
CA ILE D 146 -9.33 25.15 -27.62
C ILE D 146 -9.21 26.62 -27.99
N ASN D 147 -8.75 27.45 -27.05
CA ASN D 147 -8.62 28.88 -27.32
C ASN D 147 -7.65 29.14 -28.47
N PHE D 148 -6.51 28.45 -28.47
CA PHE D 148 -5.54 28.63 -29.54
C PHE D 148 -6.14 28.29 -30.90
N LEU D 149 -6.94 27.22 -30.97
CA LEU D 149 -7.57 26.85 -32.23
C LEU D 149 -8.59 27.89 -32.66
N HIS D 150 -9.46 28.31 -31.74
CA HIS D 150 -10.47 29.31 -32.07
C HIS D 150 -9.83 30.65 -32.40
N GLU D 151 -8.79 31.05 -31.65
CA GLU D 151 -8.07 32.28 -31.97
C GLU D 151 -7.48 32.22 -33.38
N ASN D 152 -6.98 31.05 -33.78
CA ASN D 152 -6.46 30.83 -35.11
C ASN D 152 -7.51 30.35 -36.10
N HIS D 153 -8.80 30.60 -35.79
CA HIS D 153 -9.90 30.40 -36.73
C HIS D 153 -10.04 28.94 -37.16
N HIS D 154 -9.96 28.04 -36.18
CA HIS D 154 -10.13 26.62 -36.42
C HIS D 154 -11.24 26.07 -35.53
N ILE D 155 -11.99 25.12 -36.06
CA ILE D 155 -13.04 24.41 -35.32
C ILE D 155 -12.60 22.96 -35.18
N HIS D 156 -12.54 22.48 -33.93
CA HIS D 156 -12.05 21.13 -33.69
C HIS D 156 -13.00 20.07 -34.24
N ARG D 157 -14.28 20.19 -33.91
CA ARG D 157 -15.42 19.39 -34.35
C ARG D 157 -15.50 18.01 -33.66
N ASP D 158 -14.49 17.59 -32.90
CA ASP D 158 -14.58 16.32 -32.16
C ASP D 158 -13.96 16.44 -30.77
N ILE D 159 -14.32 17.50 -30.04
CA ILE D 159 -13.86 17.64 -28.66
C ILE D 159 -14.49 16.54 -27.81
N LYS D 160 -13.65 15.80 -27.08
CA LYS D 160 -14.09 14.75 -26.17
C LYS D 160 -12.88 14.30 -25.35
N SER D 161 -13.15 13.54 -24.29
CA SER D 161 -12.08 13.15 -23.37
C SER D 161 -11.10 12.19 -24.03
N ALA D 162 -11.56 11.38 -24.98
CA ALA D 162 -10.65 10.53 -25.73
C ALA D 162 -9.71 11.35 -26.59
N ASN D 163 -10.06 12.59 -26.90
CA ASN D 163 -9.24 13.46 -27.72
C ASN D 163 -8.50 14.51 -26.89
N ILE D 164 -8.43 14.32 -25.57
CA ILE D 164 -7.56 15.09 -24.69
C ILE D 164 -6.54 14.12 -24.11
N LEU D 165 -5.29 14.25 -24.53
CA LEU D 165 -4.23 13.36 -24.10
C LEU D 165 -3.40 14.02 -22.99
N LEU D 166 -2.57 13.21 -22.33
CA LEU D 166 -1.90 13.63 -21.10
C LEU D 166 -0.44 13.21 -21.15
N ASP D 167 0.46 14.19 -21.00
CA ASP D 167 1.89 13.98 -21.19
C ASP D 167 2.55 13.59 -19.86
N GLU D 168 3.88 13.64 -19.81
CA GLU D 168 4.67 13.23 -18.65
C GLU D 168 4.31 14.01 -17.38
N ALA D 169 3.73 15.20 -17.51
CA ALA D 169 3.36 16.01 -16.36
C ALA D 169 1.85 16.10 -16.18
N PHE D 170 1.09 15.23 -16.86
CA PHE D 170 -0.36 15.29 -16.90
C PHE D 170 -0.86 16.62 -17.45
N THR D 171 -0.10 17.17 -18.39
CA THR D 171 -0.51 18.35 -19.13
C THR D 171 -1.46 17.93 -20.25
N ALA D 172 -2.56 18.67 -20.41
CA ALA D 172 -3.59 18.30 -21.36
C ALA D 172 -3.16 18.73 -22.77
N LYS D 173 -3.22 17.79 -23.71
CA LYS D 173 -2.83 18.03 -25.10
C LYS D 173 -3.98 17.60 -25.99
N ILE D 174 -4.67 18.57 -26.60
CA ILE D 174 -5.78 18.24 -27.47
C ILE D 174 -5.26 17.55 -28.72
N SER D 175 -5.95 16.52 -29.15
CA SER D 175 -5.54 15.70 -30.28
C SER D 175 -6.66 15.60 -31.30
N ASP D 176 -6.32 15.04 -32.46
CA ASP D 176 -7.26 14.73 -33.52
C ASP D 176 -8.05 15.95 -33.95
N PHE D 177 -7.32 16.93 -34.50
CA PHE D 177 -7.92 17.98 -35.32
C PHE D 177 -7.97 17.58 -36.79
N TPO D 189 -22.90 28.41 -38.60
CA TPO D 189 -22.98 29.46 -39.62
CB TPO D 189 -21.80 30.45 -39.46
CG2 TPO D 189 -21.25 30.95 -40.79
OG1 TPO D 189 -22.23 31.60 -38.70
P TPO D 189 -22.32 31.27 -37.12
O1P TPO D 189 -23.71 30.90 -36.78
O2P TPO D 189 -21.32 30.07 -36.71
O3P TPO D 189 -21.92 32.59 -36.29
C TPO D 189 -23.01 28.81 -41.02
O TPO D 189 -23.62 29.34 -41.94
N VAL D 190 -22.36 27.66 -41.15
CA VAL D 190 -22.36 26.88 -42.38
C VAL D 190 -22.84 25.45 -42.04
N MET D 191 -23.42 24.75 -43.01
CA MET D 191 -23.82 23.35 -42.79
C MET D 191 -23.07 22.35 -43.67
N TPO D 192 -23.13 21.07 -43.29
CA TPO D 192 -22.47 20.00 -44.03
CB TPO D 192 -21.18 19.60 -43.34
CG2 TPO D 192 -21.49 19.32 -41.87
OG1 TPO D 192 -20.68 18.40 -43.94
P TPO D 192 -19.48 18.75 -44.94
O1P TPO D 192 -19.16 20.20 -44.90
O2P TPO D 192 -19.90 18.34 -46.44
O3P TPO D 192 -18.16 17.91 -44.52
C TPO D 192 -23.37 18.78 -44.19
O TPO D 192 -24.40 18.65 -43.51
N SEP D 193 -22.97 17.87 -45.07
CA SEP D 193 -23.71 16.65 -45.35
CB SEP D 193 -23.64 16.32 -46.84
OG SEP D 193 -22.31 16.03 -47.22
C SEP D 193 -23.19 15.47 -44.53
O SEP D 193 -23.93 14.54 -44.21
P SEP D 193 -22.03 16.34 -48.77
O1P SEP D 193 -22.24 17.90 -49.07
O2P SEP D 193 -23.00 15.47 -49.70
O3P SEP D 193 -20.50 15.95 -49.10
N ARG D 194 -21.90 15.52 -44.21
CA ARG D 194 -21.27 14.45 -43.42
C ARG D 194 -21.14 14.87 -41.96
N ILE D 195 -22.12 14.46 -41.14
CA ILE D 195 -22.16 14.82 -39.73
C ILE D 195 -21.19 13.94 -38.97
N VAL D 196 -19.97 14.44 -38.75
CA VAL D 196 -18.89 13.65 -38.18
C VAL D 196 -18.62 14.17 -36.77
N GLY D 197 -18.84 13.30 -35.79
CA GLY D 197 -18.64 13.67 -34.41
C GLY D 197 -18.98 12.49 -33.51
N THR D 198 -19.00 12.73 -32.21
CA THR D 198 -19.35 11.71 -31.23
C THR D 198 -20.67 12.07 -30.59
N THR D 199 -21.66 11.19 -30.77
CA THR D 199 -23.06 11.55 -30.55
C THR D 199 -23.30 12.08 -29.14
N ALA D 200 -22.70 11.44 -28.13
CA ALA D 200 -22.94 11.86 -26.75
C ALA D 200 -22.36 13.23 -26.46
N TYR D 201 -21.42 13.71 -27.27
CA TYR D 201 -20.75 14.99 -27.02
C TYR D 201 -21.33 16.14 -27.82
N MET D 202 -22.12 15.85 -28.85
CA MET D 202 -22.45 16.86 -29.85
C MET D 202 -23.59 17.76 -29.39
N ALA D 203 -23.43 19.05 -29.65
CA ALA D 203 -24.47 20.03 -29.43
C ALA D 203 -25.62 19.75 -30.39
N PRO D 204 -26.83 20.20 -30.04
CA PRO D 204 -27.98 19.97 -30.94
C PRO D 204 -27.77 20.53 -32.34
N GLU D 205 -27.13 21.70 -32.46
CA GLU D 205 -26.94 22.29 -33.79
C GLU D 205 -25.95 21.48 -34.63
N ALA D 206 -24.94 20.89 -34.00
CA ALA D 206 -24.02 20.03 -34.74
C ALA D 206 -24.72 18.77 -35.23
N LEU D 207 -25.65 18.24 -34.42
CA LEU D 207 -26.45 17.09 -34.85
C LEU D 207 -27.39 17.45 -36.00
N ARG D 208 -27.69 18.73 -36.18
CA ARG D 208 -28.48 19.19 -37.31
C ARG D 208 -27.62 19.60 -38.50
N GLY D 209 -26.30 19.47 -38.40
CA GLY D 209 -25.41 19.71 -39.52
C GLY D 209 -24.67 21.02 -39.49
N GLU D 210 -24.93 21.89 -38.52
CA GLU D 210 -24.27 23.19 -38.48
C GLU D 210 -22.81 23.05 -38.07
N ILE D 211 -21.97 23.91 -38.63
CA ILE D 211 -20.53 23.91 -38.39
C ILE D 211 -20.18 25.25 -37.76
N THR D 212 -19.93 25.25 -36.45
CA THR D 212 -19.63 26.48 -35.76
C THR D 212 -18.69 26.18 -34.60
N PRO D 213 -17.80 27.11 -34.24
CA PRO D 213 -16.99 26.91 -33.04
C PRO D 213 -17.80 26.81 -31.77
N LYS D 214 -19.03 27.33 -31.75
CA LYS D 214 -19.87 27.25 -30.57
C LYS D 214 -20.23 25.82 -30.22
N SER D 215 -20.16 24.89 -31.18
CA SER D 215 -20.38 23.48 -30.86
C SER D 215 -19.21 22.90 -30.05
N ASP D 216 -17.99 23.35 -30.34
CA ASP D 216 -16.84 22.94 -29.54
C ASP D 216 -17.06 23.25 -28.07
N ILE D 217 -17.64 24.41 -27.77
CA ILE D 217 -17.89 24.80 -26.38
C ILE D 217 -18.83 23.81 -25.71
N TYR D 218 -19.90 23.42 -26.40
CA TYR D 218 -20.85 22.46 -25.84
C TYR D 218 -20.15 21.15 -25.50
N SER D 219 -19.32 20.64 -26.42
CA SER D 219 -18.63 19.39 -26.18
C SER D 219 -17.69 19.50 -24.98
N PHE D 220 -17.01 20.63 -24.84
CA PHE D 220 -16.16 20.83 -23.66
C PHE D 220 -16.97 20.76 -22.38
N GLY D 221 -18.21 21.26 -22.42
CA GLY D 221 -19.07 21.16 -21.24
C GLY D 221 -19.29 19.72 -20.81
N VAL D 222 -19.44 18.80 -21.78
CA VAL D 222 -19.53 17.39 -21.44
C VAL D 222 -18.22 16.90 -20.82
N VAL D 223 -17.09 17.31 -21.40
CA VAL D 223 -15.79 16.93 -20.84
C VAL D 223 -15.66 17.41 -19.41
N LEU D 224 -16.10 18.65 -19.14
CA LEU D 224 -16.08 19.18 -17.78
C LEU D 224 -16.93 18.31 -16.86
N LEU D 225 -18.09 17.87 -17.33
CA LEU D 225 -18.91 16.96 -16.53
C LEU D 225 -18.20 15.62 -16.31
N GLU D 226 -17.49 15.13 -17.33
CA GLU D 226 -16.68 13.93 -17.15
C GLU D 226 -15.63 14.13 -16.06
N ILE D 227 -14.99 15.29 -16.07
CA ILE D 227 -13.92 15.56 -15.10
C ILE D 227 -14.48 15.64 -13.69
N ILE D 228 -15.66 16.26 -13.53
CA ILE D 228 -16.26 16.39 -12.20
C ILE D 228 -16.72 15.04 -11.67
N THR D 229 -17.32 14.21 -12.52
CA THR D 229 -17.99 13.01 -12.06
C THR D 229 -17.17 11.74 -12.21
N GLY D 230 -16.20 11.72 -13.15
CA GLY D 230 -15.56 10.47 -13.47
C GLY D 230 -16.44 9.51 -14.23
N LEU D 231 -17.50 10.00 -14.82
CA LEU D 231 -18.40 9.11 -15.53
C LEU D 231 -18.19 9.24 -17.03
N PRO D 232 -18.40 8.16 -17.78
CA PRO D 232 -18.38 8.27 -19.23
C PRO D 232 -19.57 9.06 -19.73
N ALA D 233 -19.40 9.66 -20.91
CA ALA D 233 -20.46 10.49 -21.47
C ALA D 233 -21.73 9.68 -21.74
N VAL D 234 -21.59 8.40 -22.09
CA VAL D 234 -22.72 7.53 -22.32
C VAL D 234 -22.40 6.14 -21.78
N ASP D 235 -23.38 5.54 -21.10
CA ASP D 235 -23.30 4.15 -20.65
C ASP D 235 -24.72 3.62 -20.61
N GLU D 236 -25.02 2.64 -21.47
CA GLU D 236 -26.40 2.16 -21.60
C GLU D 236 -26.84 1.37 -20.38
N HIS D 237 -25.90 0.72 -19.69
CA HIS D 237 -26.21 -0.03 -18.49
C HIS D 237 -26.26 0.86 -17.26
N ARG D 238 -26.48 2.16 -17.46
CA ARG D 238 -26.61 3.15 -16.41
C ARG D 238 -27.77 4.08 -16.78
N GLU D 239 -28.48 4.57 -15.75
CA GLU D 239 -29.51 5.57 -15.94
C GLU D 239 -29.23 6.74 -15.01
N PRO D 240 -29.14 7.99 -15.52
CA PRO D 240 -29.35 8.38 -16.93
C PRO D 240 -28.24 7.90 -17.86
N GLN D 241 -28.60 7.52 -19.08
CA GLN D 241 -27.62 7.02 -20.04
C GLN D 241 -26.64 8.11 -20.42
N LEU D 242 -27.12 9.35 -20.59
CA LEU D 242 -26.32 10.44 -21.10
C LEU D 242 -25.91 11.36 -19.96
N LEU D 243 -24.60 11.63 -19.87
CA LEU D 243 -24.09 12.47 -18.79
C LEU D 243 -24.66 13.88 -18.86
N LEU D 244 -24.84 14.41 -20.07
CA LEU D 244 -25.39 15.76 -20.22
C LEU D 244 -26.76 15.89 -19.58
N ASP D 245 -27.45 14.78 -19.33
CA ASP D 245 -28.77 14.83 -18.72
C ASP D 245 -28.73 15.24 -17.25
N ILE D 246 -27.60 15.02 -16.55
CA ILE D 246 -27.55 15.36 -15.13
C ILE D 246 -27.68 16.86 -14.91
N LYS D 247 -27.38 17.67 -15.91
CA LYS D 247 -27.67 19.11 -15.83
C LYS D 247 -29.16 19.33 -15.58
N GLU D 248 -30.02 18.58 -16.26
CA GLU D 248 -31.45 18.71 -16.06
C GLU D 248 -31.86 18.24 -14.66
N GLU D 249 -31.20 17.19 -14.15
CA GLU D 249 -31.51 16.70 -12.81
C GLU D 249 -31.14 17.74 -11.75
N ILE D 250 -30.02 18.44 -11.93
CA ILE D 250 -29.67 19.49 -11.00
C ILE D 250 -30.60 20.69 -11.15
N GLU D 251 -30.95 21.03 -12.39
CA GLU D 251 -31.86 22.15 -12.63
C GLU D 251 -33.25 21.87 -12.05
N ASP D 252 -33.79 20.68 -12.34
CA ASP D 252 -35.07 20.28 -11.75
C ASP D 252 -34.94 19.96 -10.26
N GLU D 253 -33.75 20.10 -9.69
CA GLU D 253 -33.51 19.91 -8.26
C GLU D 253 -33.87 18.50 -7.79
N GLU D 254 -33.81 17.53 -8.70
CA GLU D 254 -33.94 16.13 -8.31
C GLU D 254 -32.66 15.60 -7.68
N LYS D 255 -31.51 16.10 -8.14
CA LYS D 255 -30.21 15.73 -7.59
C LYS D 255 -29.38 16.99 -7.46
N THR D 256 -28.18 16.85 -6.89
CA THR D 256 -27.25 17.96 -6.74
C THR D 256 -25.89 17.56 -7.28
N ILE D 257 -25.03 18.55 -7.52
CA ILE D 257 -23.70 18.28 -8.04
C ILE D 257 -22.91 17.42 -7.06
N GLU D 258 -23.15 17.58 -5.76
CA GLU D 258 -22.47 16.77 -4.76
C GLU D 258 -22.82 15.30 -4.89
N ASP D 259 -24.05 14.99 -5.31
CA ASP D 259 -24.42 13.59 -5.52
C ASP D 259 -23.58 12.94 -6.61
N TYR D 260 -23.09 13.72 -7.57
CA TYR D 260 -22.40 13.20 -8.74
C TYR D 260 -20.90 13.43 -8.71
N ILE D 261 -20.37 14.13 -7.71
CA ILE D 261 -18.92 14.32 -7.62
C ILE D 261 -18.24 12.96 -7.57
N ASP D 262 -17.22 12.78 -8.41
CA ASP D 262 -16.41 11.57 -8.37
C ASP D 262 -15.93 11.33 -6.94
N LYS D 263 -16.25 10.16 -6.41
CA LYS D 263 -15.87 9.81 -5.05
C LYS D 263 -14.43 9.30 -4.95
N LYS D 264 -13.71 9.25 -6.07
CA LYS D 264 -12.34 8.75 -6.12
C LYS D 264 -11.33 9.88 -6.02
N MET D 265 -11.67 10.91 -5.24
CA MET D 265 -10.80 12.03 -4.90
C MET D 265 -10.95 12.31 -3.41
N ASN D 266 -9.89 12.86 -2.79
CA ASN D 266 -9.99 13.33 -1.41
C ASN D 266 -9.76 14.82 -1.26
N ASP D 267 -9.48 15.55 -2.35
CA ASP D 267 -9.07 16.95 -2.26
C ASP D 267 -10.01 17.90 -2.99
N ALA D 268 -11.23 17.47 -3.29
CA ALA D 268 -12.22 18.39 -3.86
C ALA D 268 -12.88 19.21 -2.76
N ASP D 269 -13.05 20.49 -3.01
CA ASP D 269 -13.86 21.36 -2.16
C ASP D 269 -15.08 21.83 -2.95
N SER D 270 -16.17 22.10 -2.22
CA SER D 270 -17.46 22.34 -2.86
C SER D 270 -17.41 23.57 -3.77
N THR D 271 -16.80 24.66 -3.30
CA THR D 271 -16.84 25.91 -4.06
C THR D 271 -16.13 25.78 -5.40
N SER D 272 -15.00 25.08 -5.44
CA SER D 272 -14.29 24.91 -6.70
C SER D 272 -15.02 23.95 -7.62
N VAL D 273 -15.62 22.90 -7.04
CA VAL D 273 -16.42 21.97 -7.86
C VAL D 273 -17.61 22.70 -8.46
N GLU D 274 -18.31 23.48 -7.63
CA GLU D 274 -19.46 24.23 -8.13
C GLU D 274 -19.04 25.24 -9.19
N ALA D 275 -17.86 25.84 -9.04
CA ALA D 275 -17.38 26.77 -10.04
C ALA D 275 -17.17 26.08 -11.39
N MET D 276 -16.56 24.89 -11.38
CA MET D 276 -16.39 24.16 -12.63
C MET D 276 -17.72 23.75 -13.24
N TYR D 277 -18.66 23.29 -12.40
CA TYR D 277 -19.97 22.93 -12.92
C TYR D 277 -20.68 24.13 -13.52
N SER D 278 -20.47 25.33 -12.95
CA SER D 278 -21.07 26.52 -13.52
C SER D 278 -20.56 26.79 -14.93
N VAL D 279 -19.26 26.62 -15.15
CA VAL D 279 -18.72 26.70 -16.50
C VAL D 279 -19.37 25.64 -17.39
N ALA D 280 -19.48 24.41 -16.88
CA ALA D 280 -20.02 23.31 -17.66
C ALA D 280 -21.47 23.57 -18.05
N SER D 281 -22.27 24.11 -17.13
CA SER D 281 -23.67 24.40 -17.43
C SER D 281 -23.80 25.45 -18.52
N GLN D 282 -23.02 26.52 -18.44
CA GLN D 282 -23.06 27.57 -19.46
C GLN D 282 -22.66 27.02 -20.81
N CYS D 283 -21.62 26.17 -20.85
CA CYS D 283 -21.21 25.55 -22.10
C CYS D 283 -22.31 24.66 -22.68
N LEU D 284 -23.19 24.15 -21.83
CA LEU D 284 -24.18 23.16 -22.24
C LEU D 284 -25.53 23.78 -22.57
N HIS D 285 -25.59 25.11 -22.71
CA HIS D 285 -26.83 25.74 -23.14
C HIS D 285 -27.25 25.19 -24.49
N GLU D 286 -28.52 24.82 -24.60
CA GLU D 286 -29.04 24.29 -25.85
C GLU D 286 -28.88 25.27 -27.00
N LYS D 287 -28.76 26.57 -26.70
CA LYS D 287 -28.71 27.59 -27.73
C LYS D 287 -27.28 28.06 -27.88
N LYS D 288 -26.77 27.92 -29.12
CA LYS D 288 -25.36 28.14 -29.38
C LYS D 288 -24.93 29.56 -29.04
N ASN D 289 -25.79 30.53 -29.28
CA ASN D 289 -25.41 31.92 -29.04
C ASN D 289 -25.55 32.36 -27.60
N LYS D 290 -26.11 31.52 -26.73
CA LYS D 290 -26.10 31.80 -25.29
C LYS D 290 -24.89 31.22 -24.59
N ARG D 291 -24.15 30.34 -25.25
CA ARG D 291 -22.95 29.77 -24.67
C ARG D 291 -21.83 30.81 -24.60
N PRO D 292 -20.99 30.74 -23.58
CA PRO D 292 -19.81 31.61 -23.55
C PRO D 292 -18.80 31.17 -24.59
N ASP D 293 -18.03 32.14 -25.08
CA ASP D 293 -16.93 31.77 -25.96
C ASP D 293 -15.79 31.20 -25.14
N ILE D 294 -14.80 30.63 -25.83
CA ILE D 294 -13.71 29.92 -25.15
C ILE D 294 -12.91 30.86 -24.26
N LYS D 295 -12.79 32.14 -24.64
CA LYS D 295 -12.07 33.10 -23.82
C LYS D 295 -12.77 33.31 -22.48
N LYS D 296 -14.10 33.37 -22.48
CA LYS D 296 -14.84 33.46 -21.22
C LYS D 296 -14.68 32.17 -20.42
N VAL D 297 -14.67 31.02 -21.08
CA VAL D 297 -14.47 29.75 -20.40
C VAL D 297 -13.09 29.71 -19.75
N GLN D 298 -12.06 30.14 -20.51
CA GLN D 298 -10.72 30.25 -19.97
C GLN D 298 -10.70 31.09 -18.69
N GLN D 299 -11.36 32.24 -18.74
CA GLN D 299 -11.35 33.17 -17.60
C GLN D 299 -12.02 32.56 -16.38
N LEU D 300 -13.19 31.94 -16.56
CA LEU D 300 -13.91 31.36 -15.42
C LEU D 300 -13.13 30.23 -14.78
N LEU D 301 -12.44 29.43 -15.60
CA LEU D 301 -11.64 28.33 -15.05
C LEU D 301 -10.42 28.85 -14.31
N GLN D 302 -9.83 29.96 -14.76
CA GLN D 302 -8.72 30.56 -14.04
C GLN D 302 -9.17 31.14 -12.70
N GLU D 303 -10.33 31.80 -12.67
CA GLU D 303 -10.85 32.34 -11.42
C GLU D 303 -11.22 31.24 -10.44
N MET D 304 -11.50 30.03 -10.94
CA MET D 304 -11.83 28.89 -10.09
C MET D 304 -10.67 28.50 -9.18
N THR D 305 -9.42 28.71 -9.64
CA THR D 305 -8.24 28.32 -8.87
C THR D 305 -7.47 29.50 -8.30
N ALA D 306 -7.83 30.73 -8.63
CA ALA D 306 -7.10 31.91 -8.16
C ALA D 306 -7.06 31.97 -6.62
N1 VDC E . -12.90 0.42 10.56
N3 VDC E . -9.84 4.62 6.05
C4 VDC E . -12.51 -2.27 13.11
C5 VDC E . -13.77 -2.73 13.17
C6 VDC E . -16.12 -2.71 12.53
C7 VDC E . -17.31 -1.84 12.50
C8 VDC E . -16.84 -2.41 13.79
C10 VDC E . -11.70 1.98 9.17
C13 VDC E . -9.30 4.02 7.14
C15 VDC E . -9.76 6.66 4.31
C17 VDC E . -7.74 5.93 5.46
C20 VDC E . -11.45 3.57 6.96
C21 VDC E . -12.79 2.27 8.32
C22 VDC E . -15.09 1.88 7.68
C24 VDC E . -16.38 1.76 8.44
C1 VDC E . -11.75 1.13 10.39
C11 VDC E . -10.46 2.53 8.87
C12 VDC E . -10.33 3.32 7.74
C14 VDC E . -9.15 5.46 5.09
C16 VDC E . -8.52 6.35 3.44
C18 VDC E . -8.33 6.86 2.05
C19 VDC E . -8.88 4.86 3.68
C2 VDC E . -13.17 -0.64 11.45
C23 VDC E . -14.92 0.79 6.66
C3 VDC E . -12.18 -1.23 12.25
C9 VDC E . -14.47 -1.12 11.52
F1 VDC E . -16.26 -1.59 14.69
N2 VDC E . -14.76 -2.17 12.41
N4 VDC E . -11.18 4.36 5.91
N5 VDC E . -12.68 3.04 7.25
O1 VDC E . -10.80 1.07 11.16
O2 VDC E . -15.37 -0.62 10.83
O3 VDC E . -7.37 6.59 4.26
O4 VDC E . -14.00 1.75 8.64
N1 VDC F . 6.43 15.48 2.77
N3 VDC F . 3.62 10.30 6.32
C4 VDC F . 6.46 17.46 -0.39
C5 VDC F . 7.67 18.05 -0.29
C6 VDC F . 9.78 18.49 0.84
C7 VDC F . 10.32 19.04 2.10
C8 VDC F . 9.76 19.95 1.10
C10 VDC F . 5.24 13.77 3.99
C13 VDC F . 3.08 11.00 5.30
C15 VDC F . 3.23 8.80 8.51
C17 VDC F . 1.53 8.92 6.76
C20 VDC F . 5.09 11.76 5.83
C21 VDC F . 6.28 13.51 4.91
C22 VDC F . 8.53 13.92 5.65
C24 VDC F . 9.35 15.16 5.88
C1 VDC F . 5.24 14.86 2.97
C11 VDC F . 4.09 13.00 4.04
C12 VDC F . 4.01 11.97 4.96
C14 VDC F . 3.03 9.16 7.01
C16 VDC F . 2.69 7.46 7.94
C18 VDC F . 2.81 6.14 8.66
C19 VDC F . 3.60 7.75 6.73
C2 VDC F . 6.82 16.34 1.72
C23 VDC F . 9.29 12.87 4.87
C3 VDC F . 6.01 16.61 0.61
C9 VDC F . 8.06 16.95 1.82
F1 VDC F . 8.57 20.56 1.35
N2 VDC F . 8.48 17.82 0.79
N4 VDC F . 4.88 10.74 6.67
N5 VDC F . 6.22 12.53 5.79
O1 VDC F . 4.22 15.13 2.34
O2 VDC F . 8.81 16.74 2.80
O3 VDC F . 1.36 7.70 7.50
O4 VDC F . 7.38 14.29 4.85
N1 VDC G . 7.88 -24.06 13.41
N3 VDC G . 6.37 -19.19 8.79
C4 VDC G . 6.71 -26.16 16.25
C5 VDC G . 7.87 -26.39 16.88
C6 VDC G . 10.28 -26.17 17.15
C7 VDC G . 11.59 -26.38 16.46
C8 VDC G . 10.83 -27.54 17.03
C10 VDC G . 7.15 -22.46 11.75
C13 VDC G . 5.52 -20.05 9.37
C15 VDC G . 7.08 -17.67 6.73
C17 VDC G . 4.72 -18.07 7.18
C20 VDC G . 7.61 -20.37 10.06
C21 VDC G . 8.45 -21.91 11.54
C22 VDC G . 10.80 -21.88 12.05
C24 VDC G . 11.82 -22.98 12.20
C1 VDC G . 6.84 -23.60 12.67
C11 VDC G . 6.07 -21.91 11.07
C12 VDC G . 6.30 -20.85 10.20
C14 VDC G . 6.10 -18.12 7.84
C16 VDC G . 6.16 -16.43 6.83
C18 VDC G . 6.52 -15.10 6.25
C19 VDC G . 6.24 -16.66 8.35
C2 VDC G . 7.86 -24.85 14.58
C23 VDC G . 10.94 -20.83 13.12
C3 VDC G . 6.68 -25.39 15.10
C9 VDC G . 9.06 -25.09 15.24
F1 VDC G . 10.24 -28.41 16.18
N2 VDC G . 9.05 -25.87 16.41
N4 VDC G . 7.68 -19.35 9.19
N5 VDC G . 8.66 -20.91 10.72
O1 VDC G . 5.70 -24.03 12.75
O2 VDC G . 10.13 -24.62 14.82
O3 VDC G . 4.85 -16.86 6.43
O4 VDC G . 9.48 -22.47 12.21
N1 VDC H . -1.30 8.29 -28.19
N3 VDC H . -0.58 4.70 -22.37
C4 VDC H . -0.38 11.34 -30.12
C5 VDC H . -1.49 11.51 -30.85
C6 VDC H . -3.72 10.87 -31.57
C7 VDC H . -4.37 9.75 -32.31
C8 VDC H . -3.58 10.76 -33.06
C10 VDC H . -0.81 7.04 -26.18
C13 VDC H . 0.31 5.55 -22.92
C15 VDC H . -1.12 2.54 -20.92
C17 VDC H . 0.88 3.87 -20.43
C20 VDC H . -1.51 5.36 -24.16
C21 VDC H . -2.05 6.36 -26.16
C22 VDC H . -4.28 6.12 -27.04
C24 VDC H . -4.90 6.07 -28.41
C1 VDC H . -0.37 7.99 -27.26
C11 VDC H . 0.09 6.84 -25.14
C12 VDC H . -0.27 5.99 -24.11
C14 VDC H . -0.48 3.94 -21.11
C16 VDC H . -0.89 2.97 -19.45
C18 VDC H . -1.54 2.26 -18.30
C19 VDC H . -1.39 4.36 -19.92
C2 VDC H . -1.34 9.37 -29.09
C23 VDC H . -4.99 7.09 -26.13
C3 VDC H . -0.29 10.27 -29.22
C9 VDC H . -2.49 9.55 -29.86
F1 VDC H . -2.38 10.40 -33.56
N2 VDC H . -2.53 10.64 -30.76
N4 VDC H . -1.73 4.57 -23.10
N5 VDC H . -2.39 5.56 -25.19
O1 VDC H . 0.76 8.47 -27.24
O2 VDC H . -3.46 8.79 -29.77
O3 VDC H . 0.53 3.11 -19.28
O4 VDC H . -2.91 6.57 -27.18
#